data_7NKP
#
_entry.id   7NKP
#
_cell.length_a   1.00
_cell.length_b   1.00
_cell.length_c   1.00
_cell.angle_alpha   90.00
_cell.angle_beta   90.00
_cell.angle_gamma   90.00
#
_symmetry.space_group_name_H-M   'P 1'
#
loop_
_entity.id
_entity.type
_entity.pdbx_description
1 polymer 'ATP synthase gamma chain'
2 polymer 'ATP synthase epsilon chain'
3 polymer 'ATP synthase subunit c'
4 polymer 'ATP synthase subunit a'
5 polymer 'ATP synthase subunit b'
6 polymer 'ATP synthase subunit b-delta'
#
loop_
_entity_poly.entity_id
_entity_poly.type
_entity_poly.pdbx_seq_one_letter_code
_entity_poly.pdbx_strand_id
1 'polypeptide(L)'
;MAATLRELRGRIRSAGSIKKITKAQELIATSRIAKAQARVEAARPYAAEITNMLTELAGASALDHPLLVERKQPKRAGVL
VVSSDRGLCGAYNANVLRRAEELFSLLRDEGKDPVLYVVGRKALGYFSFRQRTVVESWTGFSERPTYENAREIADTLVNA
FMAGADDEGDDAGADGILGVDELHIVFTEFRSMLSQTAVARRAAPMEVEYVGEVETGPRTLYSFEPDPETLFDALLPRYI
ATRVYAALLEAAASESASRRRAMKSATDNADDLIKALTLAANRERQAQITQEISEIVGGANALAGSK
;
G
2 'polypeptide(L)'
;MADLNVEIVAVERELWSGPATFVFTRTTAGEIGILPRHIPLVAQLVDDAMVRVEREGEDDLRIAVDGGFLSVTEETVRIL
VENAQFESEIDADAAKEDAASDDERTAAWGRARLRALGQID
;
H
3 'polypeptide(L)'
;MDLDPNAIITAGALIGGGLIMGGGAIGAGIGDGIAGNALISGIARQPEAQGRLFTPFFITVGLVEAAYFINLAFMALFVF
ATPGLQ
;
L,M,N,O,P,Q,R,S,T
4 'polypeptide(L)'
;MLAAEEGGAAIHVGHHTLVFELFGMTFNGDTILATAVTAVIVIALAFYLRAKVTSTGVPSGVQLFWEALTIQMRQQIEGS
IGMKIAPFVLPLSVTIFVFILISNWLAVLPLQYGGADGAAAELYKAPASDINFVLALALFVFVCYHAAGIWRRGIVGHPI
KVVKGHVAFLAPINIVEELAKPISLALRLFGNIFAGGILVALIAMFPWYIQWFPNAVWKTFDLFVGLIQAFIFSLLTILY
FSQSMELDHEDH
;
a
5 'polypeptide(L)'
;MGEFSATILAASQAAEEGGGGSNFLIPNGTFFAVLIIFLIVLGVISKWVVPPISKVLAEREAMLAKTAADNRKSAEQVAA
AQADYEKEMAEARAQASALRDEARAAGRSVVDEKRAQASGEVAQTLTQADQQLSAQGDQVRSGLESSVDGLSAKLASRIL
GVDVNSGGTQHHHHHHHHHH
;
b
6 'polypeptide(L)'
;MSIFIGQLIGFAVIAFIIVKWVVPPVRTLMRNQQEAVRAALAESAEAAKKLADADAMHAKALADAKAESEKVTEEAKQDS
ERIAAQLSEQAGSEAERIKAQGAQQIQLMRQQLIRQLRTGLGAEAVNKAAEIVRAHVADPQAQSATVDRFLSELEQMAPS
SVVIDTAATSRLRAASRQSLAALVEKFDSVAGGLDADGLTNLADELASVAKLLLSETALNKHLAEPTDDSAPKVRLLERL
LSDKVSATTLDLLRTAVSNRWSTESNLIDAVEHTARLALLKRAEIAGEVDEVEEQLFRFGRVLDAEPRLSALLSDYTTPA
EGRVALLDKALTGRPGVNQTAAALLSQTVGLLRGERADEAVIDLAELAVSRRGEVVAHVSAAAELSDAQRTRLTEVLSRI
YGRPVSVQLHVDPELLGGLSITVGDEVIDGSIASRLAAAQTGLPD
;
d
#
# COMPACT_ATOMS: atom_id res chain seq x y z
N GLU A 56 -18.59 -31.60 -8.32
CA GLU A 56 -18.32 -30.45 -7.47
C GLU A 56 -16.85 -30.40 -7.09
N LEU A 57 -16.46 -31.27 -6.15
CA LEU A 57 -15.07 -31.28 -5.70
C LEU A 57 -14.13 -31.57 -6.85
N ALA A 58 -14.46 -32.56 -7.67
CA ALA A 58 -13.66 -32.82 -8.87
C ALA A 58 -13.66 -31.60 -9.78
N GLY A 59 -14.83 -30.98 -9.97
CA GLY A 59 -14.88 -29.74 -10.73
C GLY A 59 -14.12 -28.61 -10.10
N ALA A 60 -13.80 -28.72 -8.81
CA ALA A 60 -12.99 -27.75 -8.09
C ALA A 60 -11.65 -28.34 -7.69
N SER A 61 -11.06 -29.13 -8.58
CA SER A 61 -9.80 -29.79 -8.28
C SER A 61 -9.10 -30.17 -9.58
N ALA A 62 -7.81 -30.46 -9.46
CA ALA A 62 -7.05 -30.98 -10.59
C ALA A 62 -7.41 -32.44 -10.81
N LEU A 63 -7.74 -32.79 -12.06
CA LEU A 63 -8.17 -34.15 -12.40
C LEU A 63 -6.97 -34.94 -12.93
N ASP A 64 -6.03 -35.20 -12.03
CA ASP A 64 -4.83 -35.96 -12.38
C ASP A 64 -4.45 -36.93 -11.28
N HIS A 65 -5.42 -37.42 -10.52
CA HIS A 65 -5.14 -38.36 -9.44
C HIS A 65 -4.40 -39.60 -9.96
N THR A 220 -23.60 -19.88 -4.33
CA THR A 220 -23.68 -20.75 -3.17
C THR A 220 -22.53 -21.75 -3.17
N LEU A 221 -21.31 -21.23 -3.00
CA LEU A 221 -20.14 -22.08 -3.01
C LEU A 221 -20.03 -22.86 -1.70
N TYR A 222 -19.34 -23.99 -1.76
CA TYR A 222 -19.12 -24.86 -0.62
C TYR A 222 -17.69 -24.69 -0.14
N SER A 223 -17.52 -24.47 1.17
CA SER A 223 -16.20 -24.34 1.75
C SER A 223 -15.62 -25.73 2.01
N PHE A 224 -14.47 -26.01 1.40
CA PHE A 224 -13.81 -27.31 1.53
C PHE A 224 -12.67 -27.13 2.52
N GLU A 225 -12.99 -27.27 3.82
CA GLU A 225 -12.04 -26.90 4.87
C GLU A 225 -10.67 -27.51 4.59
N PRO A 226 -10.52 -28.84 4.60
CA PRO A 226 -9.30 -29.42 4.05
C PRO A 226 -9.24 -29.18 2.55
N ASP A 227 -8.03 -29.09 2.02
CA ASP A 227 -7.86 -28.66 0.65
C ASP A 227 -8.61 -29.62 -0.28
N PRO A 228 -9.25 -29.10 -1.34
CA PRO A 228 -10.03 -30.01 -2.20
C PRO A 228 -9.22 -31.16 -2.75
N GLU A 229 -7.98 -30.90 -3.17
CA GLU A 229 -7.11 -31.98 -3.60
C GLU A 229 -6.84 -32.95 -2.45
N THR A 230 -6.67 -32.42 -1.24
CA THR A 230 -6.36 -33.28 -0.10
C THR A 230 -7.43 -34.34 0.10
N LEU A 231 -8.70 -33.95 -0.02
CA LEU A 231 -9.79 -34.88 0.29
C LEU A 231 -9.77 -36.09 -0.64
N PHE A 232 -9.30 -35.92 -1.88
CA PHE A 232 -9.34 -37.03 -2.82
C PHE A 232 -8.48 -38.19 -2.36
N ASP A 233 -7.29 -37.91 -1.84
CA ASP A 233 -6.41 -38.97 -1.36
C ASP A 233 -7.01 -39.65 -0.14
N ASP B 3 -32.42 -23.91 13.83
CA ASP B 3 -32.11 -25.34 13.87
C ASP B 3 -31.83 -25.88 12.47
N LEU B 4 -30.87 -26.81 12.39
CA LEU B 4 -30.52 -27.43 11.12
C LEU B 4 -31.17 -28.80 11.00
N ALA B 20 -31.02 -29.99 14.91
CA ALA B 20 -30.38 -29.80 16.21
C ALA B 20 -29.75 -28.41 16.28
N THR B 21 -29.62 -27.90 17.51
CA THR B 21 -29.04 -26.58 17.69
C THR B 21 -27.52 -26.57 17.62
N PHE B 22 -26.88 -27.73 17.52
CA PHE B 22 -25.44 -27.79 17.48
C PHE B 22 -25.01 -29.19 17.09
N VAL B 23 -24.00 -29.28 16.24
CA VAL B 23 -23.44 -30.57 15.80
C VAL B 23 -21.93 -30.48 15.96
N PHE B 24 -21.41 -31.12 17.00
CA PHE B 24 -19.97 -31.19 17.21
C PHE B 24 -19.39 -32.37 16.43
N THR B 25 -18.17 -32.19 15.96
CA THR B 25 -17.48 -33.27 15.26
C THR B 25 -16.00 -32.93 15.14
N ARG B 26 -15.22 -33.90 14.67
CA ARG B 26 -13.80 -33.72 14.44
C ARG B 26 -13.49 -34.02 12.98
N THR B 27 -12.75 -33.12 12.34
CA THR B 27 -12.41 -33.24 10.93
C THR B 27 -10.90 -33.28 10.76
N THR B 28 -10.47 -33.58 9.53
CA THR B 28 -9.04 -33.53 9.24
C THR B 28 -8.49 -32.13 9.47
N ALA B 29 -9.22 -31.10 9.05
CA ALA B 29 -8.81 -29.74 9.35
C ALA B 29 -8.79 -29.51 10.86
N GLY B 30 -9.82 -29.98 11.55
CA GLY B 30 -9.91 -29.80 12.98
C GLY B 30 -11.33 -30.03 13.45
N GLU B 31 -11.54 -29.74 14.73
CA GLU B 31 -12.87 -29.88 15.31
C GLU B 31 -13.79 -28.80 14.77
N ILE B 32 -15.01 -29.20 14.41
CA ILE B 32 -15.99 -28.30 13.81
C ILE B 32 -17.31 -28.44 14.57
N GLY B 33 -17.85 -27.30 15.00
CA GLY B 33 -19.15 -27.24 15.63
C GLY B 33 -20.11 -26.44 14.78
N ILE B 34 -21.07 -27.14 14.17
CA ILE B 34 -21.96 -26.57 13.18
C ILE B 34 -23.22 -26.08 13.88
N LEU B 35 -23.58 -24.84 13.61
CA LEU B 35 -24.81 -24.21 14.08
C LEU B 35 -25.81 -24.12 12.94
N PRO B 36 -27.06 -23.78 13.24
CA PRO B 36 -28.13 -23.93 12.23
C PRO B 36 -27.87 -23.22 10.91
N ARG B 37 -27.31 -22.02 10.91
CA ARG B 37 -27.11 -21.24 9.69
C ARG B 37 -25.65 -21.26 9.24
N HIS B 38 -24.97 -22.38 9.46
CA HIS B 38 -23.58 -22.51 9.06
C HIS B 38 -23.44 -22.39 7.55
N ILE B 39 -22.36 -21.75 7.12
CA ILE B 39 -22.04 -21.62 5.70
C ILE B 39 -21.82 -23.03 5.15
N PRO B 40 -22.17 -23.30 3.89
CA PRO B 40 -21.95 -24.65 3.36
C PRO B 40 -20.50 -25.07 3.52
N LEU B 41 -20.29 -26.33 3.88
CA LEU B 41 -18.95 -26.79 4.26
C LEU B 41 -18.83 -28.28 4.00
N VAL B 42 -17.85 -28.67 3.21
CA VAL B 42 -17.58 -30.08 2.94
C VAL B 42 -16.21 -30.41 3.51
N ALA B 43 -16.16 -31.45 4.34
CA ALA B 43 -14.91 -31.82 5.00
C ALA B 43 -14.93 -33.30 5.30
N GLN B 44 -13.76 -33.84 5.62
CA GLN B 44 -13.62 -35.24 5.98
C GLN B 44 -13.47 -35.38 7.49
N LEU B 45 -14.06 -36.43 8.04
CA LEU B 45 -13.89 -36.72 9.45
C LEU B 45 -12.56 -37.44 9.68
N VAL B 46 -11.99 -37.22 10.86
CA VAL B 46 -10.74 -37.86 11.24
C VAL B 46 -11.01 -39.34 11.47
N ASP B 47 -9.95 -40.14 11.60
CA ASP B 47 -10.13 -41.58 11.72
C ASP B 47 -10.98 -41.94 12.91
N ASP B 48 -10.71 -41.34 14.07
CA ASP B 48 -11.47 -41.61 15.30
C ASP B 48 -12.54 -40.56 15.54
N ALA B 49 -13.13 -40.02 14.48
CA ALA B 49 -14.09 -38.94 14.62
C ALA B 49 -15.26 -39.35 15.48
N MET B 50 -15.69 -38.43 16.34
CA MET B 50 -16.90 -38.58 17.13
C MET B 50 -17.79 -37.38 16.85
N VAL B 51 -19.10 -37.63 16.76
CA VAL B 51 -20.07 -36.59 16.44
C VAL B 51 -21.10 -36.53 17.55
N ARG B 52 -21.34 -35.33 18.05
CA ARG B 52 -22.32 -35.09 19.10
C ARG B 52 -23.38 -34.13 18.59
N VAL B 53 -24.58 -34.22 19.14
CA VAL B 53 -25.73 -33.45 18.67
C VAL B 53 -26.44 -32.84 19.86
N GLU B 54 -26.91 -31.60 19.70
CA GLU B 54 -27.71 -30.92 20.71
C GLU B 54 -28.86 -30.18 20.05
N PHE B 69 -17.18 -38.73 6.70
CA PHE B 69 -17.16 -37.43 6.04
C PHE B 69 -18.33 -36.58 6.52
N LEU B 70 -18.35 -35.32 6.09
CA LEU B 70 -19.37 -34.38 6.54
C LEU B 70 -19.63 -33.38 5.43
N SER B 71 -20.90 -33.24 5.07
CA SER B 71 -21.35 -32.21 4.13
C SER B 71 -22.42 -31.37 4.82
N VAL B 72 -22.28 -30.05 4.73
CA VAL B 72 -23.20 -29.12 5.35
C VAL B 72 -23.73 -28.20 4.26
N THR B 73 -25.04 -28.13 4.14
CA THR B 73 -25.71 -27.30 3.15
C THR B 73 -26.44 -26.17 3.86
N GLU B 74 -26.86 -25.16 3.10
CA GLU B 74 -27.45 -23.96 3.70
C GLU B 74 -28.65 -24.29 4.58
N GLU B 75 -29.42 -25.32 4.21
CA GLU B 75 -30.63 -25.64 4.97
C GLU B 75 -30.39 -26.69 6.04
N THR B 76 -29.56 -27.69 5.76
CA THR B 76 -29.34 -28.76 6.73
C THR B 76 -28.00 -29.43 6.44
N VAL B 77 -27.45 -30.06 7.47
CA VAL B 77 -26.17 -30.74 7.37
C VAL B 77 -26.14 -31.70 6.19
N LEU C 3 22.81 27.89 25.99
CA LEU C 3 21.78 26.87 26.10
C LEU C 3 21.96 26.07 27.39
N ASP C 4 20.86 25.83 28.08
CA ASP C 4 20.92 25.08 29.33
C ASP C 4 21.16 23.61 29.03
N PRO C 5 22.24 23.01 29.53
CA PRO C 5 22.45 21.57 29.28
C PRO C 5 21.29 20.72 29.77
N ASN C 6 20.73 21.06 30.92
CA ASN C 6 19.61 20.30 31.45
C ASN C 6 18.42 20.37 30.50
N ALA C 7 18.17 21.54 29.91
CA ALA C 7 17.04 21.67 29.01
C ALA C 7 17.17 20.73 27.82
N ILE C 8 18.35 20.69 27.21
CA ILE C 8 18.56 19.82 26.05
C ILE C 8 18.44 18.36 26.46
N ILE C 9 19.05 17.99 27.59
CA ILE C 9 19.01 16.60 28.02
C ILE C 9 17.56 16.18 28.27
N THR C 10 16.79 17.02 28.96
CA THR C 10 15.41 16.69 29.26
C THR C 10 14.55 16.64 28.00
N ALA C 11 14.80 17.54 27.04
CA ALA C 11 14.05 17.49 25.79
C ALA C 11 14.32 16.20 25.05
N GLY C 12 15.60 15.81 24.97
CA GLY C 12 15.93 14.54 24.35
C GLY C 12 15.29 13.37 25.08
N ALA C 13 15.27 13.43 26.40
CA ALA C 13 14.63 12.38 27.18
C ALA C 13 13.15 12.29 26.88
N LEU C 14 12.48 13.45 26.79
CA LEU C 14 11.06 13.44 26.49
C LEU C 14 10.79 12.84 25.12
N ILE C 15 11.61 13.20 24.12
CA ILE C 15 11.43 12.65 22.80
C ILE C 15 11.66 11.13 22.82
N GLY C 16 12.70 10.69 23.51
CA GLY C 16 12.97 9.26 23.59
C GLY C 16 11.87 8.50 24.28
N GLY C 17 11.31 9.07 25.34
CA GLY C 17 10.20 8.43 26.03
C GLY C 17 8.95 8.35 25.17
N GLY C 18 8.64 9.43 24.46
CA GLY C 18 7.53 9.37 23.52
C GLY C 18 7.74 8.29 22.47
N LEU C 19 8.96 8.22 21.93
CA LEU C 19 9.28 7.21 20.94
C LEU C 19 9.12 5.81 21.51
N ILE C 20 9.61 5.57 22.72
CA ILE C 20 9.59 4.23 23.28
C ILE C 20 8.17 3.82 23.61
N MET C 21 7.38 4.73 24.17
CA MET C 21 5.99 4.45 24.43
C MET C 21 5.23 4.18 23.14
N GLY C 22 5.53 4.92 22.08
CA GLY C 22 4.88 4.66 20.81
C GLY C 22 5.22 3.29 20.25
N GLY C 23 6.49 2.90 20.35
CA GLY C 23 6.88 1.56 19.93
C GLY C 23 6.16 0.49 20.71
N GLY C 24 6.10 0.64 22.03
CA GLY C 24 5.34 -0.30 22.83
C GLY C 24 3.88 -0.32 22.46
N ALA C 25 3.32 0.84 22.15
CA ALA C 25 1.93 0.93 21.71
C ALA C 25 1.72 0.10 20.46
N ILE C 26 2.59 0.27 19.47
CA ILE C 26 2.45 -0.48 18.23
C ILE C 26 2.55 -1.98 18.51
N GLY C 27 3.57 -2.38 19.27
CA GLY C 27 3.74 -3.81 19.54
C GLY C 27 2.54 -4.40 20.23
N ALA C 28 2.06 -3.74 21.29
CA ALA C 28 0.92 -4.26 22.03
C ALA C 28 -0.34 -4.29 21.19
N GLY C 29 -0.59 -3.23 20.42
CA GLY C 29 -1.78 -3.21 19.59
C GLY C 29 -1.78 -4.32 18.56
N ILE C 30 -0.67 -4.49 17.86
CA ILE C 30 -0.58 -5.55 16.87
C ILE C 30 -0.80 -6.91 17.53
N GLY C 31 -0.09 -7.15 18.63
CA GLY C 31 -0.17 -8.45 19.27
C GLY C 31 -1.57 -8.76 19.78
N ASP C 32 -2.19 -7.79 20.45
CA ASP C 32 -3.52 -8.02 20.99
C ASP C 32 -4.54 -8.21 19.88
N GLY C 33 -4.44 -7.41 18.81
CA GLY C 33 -5.35 -7.61 17.69
C GLY C 33 -5.20 -8.99 17.07
N ILE C 34 -3.96 -9.43 16.89
CA ILE C 34 -3.72 -10.75 16.31
C ILE C 34 -4.27 -11.84 17.20
N ALA C 35 -4.01 -11.76 18.50
CA ALA C 35 -4.51 -12.77 19.42
C ALA C 35 -6.03 -12.78 19.43
N GLY C 36 -6.65 -11.61 19.45
CA GLY C 36 -8.10 -11.55 19.41
C GLY C 36 -8.67 -12.13 18.13
N ASN C 37 -8.01 -11.86 17.01
CA ASN C 37 -8.45 -12.44 15.74
C ASN C 37 -8.40 -13.95 15.80
N ALA C 38 -7.32 -14.50 16.31
CA ALA C 38 -7.21 -15.95 16.39
C ALA C 38 -8.27 -16.52 17.32
N LEU C 39 -8.51 -15.86 18.45
CA LEU C 39 -9.54 -16.33 19.38
C LEU C 39 -10.92 -16.29 18.74
N ILE C 40 -11.22 -15.20 18.02
CA ILE C 40 -12.54 -15.07 17.40
C ILE C 40 -12.72 -16.15 16.34
N SER C 41 -11.68 -16.39 15.53
CA SER C 41 -11.78 -17.45 14.53
C SER C 41 -12.00 -18.80 15.19
N GLY C 42 -11.27 -19.08 16.28
CA GLY C 42 -11.46 -20.33 16.98
C GLY C 42 -12.87 -20.49 17.52
N ILE C 43 -13.42 -19.43 18.12
CA ILE C 43 -14.78 -19.50 18.65
C ILE C 43 -15.77 -19.71 17.53
N ALA C 44 -15.60 -19.00 16.41
CA ALA C 44 -16.50 -19.19 15.28
C ALA C 44 -16.45 -20.64 14.79
N ARG C 45 -15.25 -21.21 14.70
CA ARG C 45 -15.15 -22.62 14.34
C ARG C 45 -15.82 -23.50 15.40
N GLN C 46 -15.54 -23.22 16.68
CA GLN C 46 -16.03 -24.03 17.78
C GLN C 46 -16.65 -23.12 18.83
N PRO C 47 -17.95 -22.84 18.75
CA PRO C 47 -18.56 -22.08 19.84
C PRO C 47 -18.25 -22.71 21.19
N GLU C 48 -18.52 -24.00 21.32
CA GLU C 48 -18.38 -24.67 22.62
C GLU C 48 -16.99 -24.49 23.20
N ALA C 49 -16.00 -24.29 22.33
CA ALA C 49 -14.61 -24.23 22.77
C ALA C 49 -14.28 -23.01 23.62
N GLN C 50 -15.17 -22.02 23.70
CA GLN C 50 -14.73 -20.71 24.19
C GLN C 50 -13.98 -20.86 25.51
N GLY C 51 -14.49 -21.70 26.40
CA GLY C 51 -13.93 -21.78 27.74
C GLY C 51 -12.46 -22.15 27.75
N ARG C 52 -12.09 -23.13 26.92
CA ARG C 52 -10.68 -23.51 26.87
C ARG C 52 -9.87 -22.47 26.12
N LEU C 53 -10.48 -21.83 25.12
CA LEU C 53 -9.72 -20.93 24.25
C LEU C 53 -9.19 -19.73 25.01
N PHE C 54 -9.90 -19.27 26.03
CA PHE C 54 -9.41 -18.13 26.80
C PHE C 54 -8.07 -18.44 27.44
N THR C 55 -7.81 -19.71 27.74
CA THR C 55 -6.57 -20.08 28.41
C THR C 55 -5.36 -19.76 27.55
N PRO C 56 -5.17 -20.34 26.36
CA PRO C 56 -4.02 -19.95 25.54
C PRO C 56 -3.99 -18.47 25.21
N PHE C 57 -5.16 -17.89 24.97
CA PHE C 57 -5.23 -16.47 24.62
C PHE C 57 -4.53 -15.62 25.68
N PHE C 58 -4.90 -15.79 26.94
CA PHE C 58 -4.24 -15.04 28.00
C PHE C 58 -2.75 -15.32 28.01
N ILE C 59 -2.36 -16.58 27.79
CA ILE C 59 -0.93 -16.91 27.76
C ILE C 59 -0.23 -16.05 26.71
N THR C 60 -0.89 -15.84 25.58
CA THR C 60 -0.35 -14.91 24.59
C THR C 60 -0.44 -13.47 25.09
N VAL C 61 -1.59 -13.08 25.63
CA VAL C 61 -1.82 -11.67 25.95
C VAL C 61 -0.72 -11.14 26.85
N GLY C 62 -0.43 -11.86 27.93
CA GLY C 62 0.66 -11.48 28.80
C GLY C 62 1.90 -11.21 27.98
N LEU C 63 2.34 -12.21 27.23
CA LEU C 63 3.57 -12.08 26.45
C LEU C 63 3.53 -10.83 25.58
N VAL C 64 2.35 -10.47 25.08
CA VAL C 64 2.20 -9.19 24.39
C VAL C 64 2.14 -8.06 25.42
N GLU C 65 1.10 -8.07 26.25
CA GLU C 65 0.86 -6.95 27.16
C GLU C 65 2.11 -6.63 27.95
N ALA C 66 2.78 -7.66 28.48
CA ALA C 66 3.98 -7.47 29.28
C ALA C 66 4.92 -6.48 28.62
N ALA C 67 5.26 -6.72 27.35
CA ALA C 67 6.23 -5.85 26.68
C ALA C 67 5.82 -4.39 26.83
N TYR C 68 4.56 -4.09 26.50
CA TYR C 68 4.04 -2.74 26.68
C TYR C 68 4.42 -2.21 28.05
N PHE C 69 3.96 -2.88 29.10
CA PHE C 69 4.19 -2.39 30.45
C PHE C 69 5.67 -2.34 30.77
N ILE C 70 6.46 -3.28 30.23
CA ILE C 70 7.90 -3.21 30.46
C ILE C 70 8.41 -1.84 30.05
N ASN C 71 8.01 -1.39 28.86
CA ASN C 71 8.48 -0.10 28.37
C ASN C 71 8.15 0.99 29.36
N LEU C 72 6.93 0.97 29.92
CA LEU C 72 6.55 1.97 30.90
C LEU C 72 7.70 2.22 31.86
N ALA C 73 8.19 1.15 32.48
CA ALA C 73 9.29 1.28 33.43
C ALA C 73 10.38 2.15 32.85
N PHE C 74 11.01 1.69 31.76
CA PHE C 74 12.15 2.42 31.23
C PHE C 74 11.72 3.81 30.76
N MET C 75 10.50 3.92 30.22
CA MET C 75 10.01 5.22 29.82
C MET C 75 10.09 6.19 30.99
N ALA C 76 9.60 5.78 32.15
CA ALA C 76 9.71 6.62 33.33
C ALA C 76 11.17 6.94 33.62
N LEU C 77 12.02 5.92 33.60
CA LEU C 77 13.45 6.16 33.84
C LEU C 77 13.99 7.19 32.89
N PHE C 78 13.44 7.26 31.67
CA PHE C 78 13.92 8.26 30.72
C PHE C 78 13.44 9.65 31.10
N VAL C 79 12.17 9.78 31.47
CA VAL C 79 11.58 11.10 31.68
C VAL C 79 11.77 11.57 33.11
N PHE C 80 11.56 10.69 34.08
CA PHE C 80 11.64 11.11 35.48
C PHE C 80 13.09 11.12 35.97
N ALA C 81 13.73 9.96 35.98
CA ALA C 81 15.11 9.84 36.42
C ALA C 81 16.04 9.78 35.21
N THR C 82 16.20 10.92 34.57
CA THR C 82 16.94 11.00 33.32
C THR C 82 18.38 10.56 33.54
N PRO C 83 18.85 9.52 32.83
CA PRO C 83 20.25 9.11 32.98
C PRO C 83 21.21 10.20 32.55
N GLY C 84 22.33 10.31 33.26
CA GLY C 84 23.36 11.26 32.91
C GLY C 84 22.91 12.71 32.95
N LEU C 85 21.81 13.01 33.63
CA LEU C 85 21.30 14.36 33.65
C LEU C 85 22.32 15.31 34.25
N GLN C 86 22.49 16.45 33.60
CA GLN C 86 23.45 17.46 34.07
C GLN C 86 22.75 18.46 34.99
N LEU D 3 27.95 25.14 23.65
CA LEU D 3 27.31 23.98 24.27
C LEU D 3 28.34 22.99 24.81
N ASP D 4 28.14 22.55 26.05
CA ASP D 4 29.00 21.54 26.62
C ASP D 4 28.81 20.22 25.88
N PRO D 5 29.90 19.50 25.58
CA PRO D 5 29.72 18.24 24.82
C PRO D 5 28.79 17.26 25.51
N ASN D 6 28.89 17.13 26.83
CA ASN D 6 28.16 16.08 27.53
C ASN D 6 26.66 16.19 27.26
N ALA D 7 26.13 17.41 27.20
CA ALA D 7 24.71 17.56 26.91
C ALA D 7 24.36 16.95 25.56
N ILE D 8 25.17 17.23 24.54
CA ILE D 8 24.88 16.74 23.20
C ILE D 8 24.99 15.22 23.15
N ILE D 9 26.08 14.66 23.68
CA ILE D 9 26.22 13.22 23.66
C ILE D 9 25.11 12.55 24.45
N THR D 10 24.70 13.18 25.56
CA THR D 10 23.62 12.59 26.37
C THR D 10 22.30 12.58 25.63
N ALA D 11 21.95 13.70 24.98
CA ALA D 11 20.70 13.74 24.21
C ALA D 11 20.73 12.71 23.10
N GLY D 12 21.85 12.64 22.37
CA GLY D 12 21.96 11.63 21.33
C GLY D 12 21.83 10.22 21.86
N ALA D 13 22.47 9.95 23.00
CA ALA D 13 22.40 8.61 23.58
C ALA D 13 20.97 8.27 24.00
N LEU D 14 20.28 9.22 24.62
CA LEU D 14 18.91 8.96 25.04
C LEU D 14 18.02 8.64 23.86
N ILE D 15 18.10 9.45 22.80
CA ILE D 15 17.28 9.20 21.62
C ILE D 15 17.67 7.86 21.00
N GLY D 16 18.96 7.58 20.90
CA GLY D 16 19.40 6.34 20.31
C GLY D 16 18.89 5.12 21.06
N GLY D 17 19.03 5.12 22.38
CA GLY D 17 18.53 4.00 23.16
C GLY D 17 17.03 3.87 23.07
N GLY D 18 16.32 5.00 23.03
CA GLY D 18 14.89 4.94 22.81
C GLY D 18 14.56 4.22 21.51
N LEU D 19 15.29 4.55 20.44
CA LEU D 19 15.09 3.83 19.18
C LEU D 19 15.41 2.35 19.33
N ILE D 20 16.54 2.04 19.96
CA ILE D 20 16.94 0.64 20.16
C ILE D 20 15.77 -0.15 20.72
N MET D 21 15.35 0.24 21.92
CA MET D 21 14.39 -0.58 22.64
C MET D 21 12.98 -0.40 22.12
N GLY D 22 12.69 0.69 21.40
CA GLY D 22 11.39 0.80 20.76
C GLY D 22 11.23 -0.14 19.59
N GLY D 23 12.26 -0.23 18.74
CA GLY D 23 12.24 -1.25 17.70
C GLY D 23 12.17 -2.64 18.29
N GLY D 24 12.94 -2.88 19.36
CA GLY D 24 12.86 -4.15 20.04
C GLY D 24 11.44 -4.46 20.52
N ALA D 25 10.78 -3.46 21.11
CA ALA D 25 9.42 -3.66 21.61
C ALA D 25 8.45 -3.96 20.48
N ILE D 26 8.54 -3.21 19.38
CA ILE D 26 7.65 -3.47 18.25
C ILE D 26 7.84 -4.90 17.75
N GLY D 27 9.09 -5.28 17.52
CA GLY D 27 9.34 -6.62 17.03
C GLY D 27 8.83 -7.69 17.99
N ALA D 28 9.12 -7.53 19.28
CA ALA D 28 8.71 -8.53 20.26
C ALA D 28 7.19 -8.62 20.33
N GLY D 29 6.51 -7.49 20.38
CA GLY D 29 5.06 -7.52 20.47
C GLY D 29 4.42 -8.20 19.27
N ILE D 30 4.87 -7.83 18.07
CA ILE D 30 4.26 -8.41 16.88
C ILE D 30 4.59 -9.90 16.79
N GLY D 31 5.84 -10.28 17.07
CA GLY D 31 6.19 -11.69 17.02
C GLY D 31 5.42 -12.50 18.04
N ASP D 32 5.25 -11.96 19.24
CA ASP D 32 4.43 -12.63 20.25
C ASP D 32 3.00 -12.80 19.75
N GLY D 33 2.45 -11.76 19.13
CA GLY D 33 1.11 -11.88 18.58
C GLY D 33 1.01 -13.00 17.56
N ILE D 34 2.00 -13.09 16.67
CA ILE D 34 1.96 -14.10 15.62
C ILE D 34 2.06 -15.50 16.22
N ALA D 35 3.03 -15.71 17.11
CA ALA D 35 3.18 -17.03 17.72
C ALA D 35 1.96 -17.40 18.53
N GLY D 36 1.37 -16.44 19.24
CA GLY D 36 0.17 -16.72 19.99
C GLY D 36 -1.01 -17.05 19.09
N ASN D 37 -1.11 -16.39 17.94
CA ASN D 37 -2.15 -16.76 16.99
C ASN D 37 -1.98 -18.21 16.57
N ALA D 38 -0.77 -18.58 16.19
CA ALA D 38 -0.54 -19.97 15.79
C ALA D 38 -0.95 -20.92 16.90
N LEU D 39 -0.49 -20.65 18.13
CA LEU D 39 -0.77 -21.54 19.24
C LEU D 39 -2.27 -21.64 19.51
N ILE D 40 -2.92 -20.49 19.66
CA ILE D 40 -4.33 -20.50 20.04
C ILE D 40 -5.17 -21.18 18.97
N SER D 41 -4.85 -20.94 17.69
CA SER D 41 -5.56 -21.65 16.64
C SER D 41 -5.31 -23.15 16.73
N GLY D 42 -4.08 -23.54 17.02
CA GLY D 42 -3.78 -24.96 17.15
C GLY D 42 -4.63 -25.63 18.22
N ILE D 43 -4.70 -25.03 19.40
CA ILE D 43 -5.55 -25.59 20.43
C ILE D 43 -7.01 -25.50 20.03
N ALA D 44 -7.39 -24.47 19.27
CA ALA D 44 -8.75 -24.38 18.77
C ALA D 44 -9.08 -25.55 17.85
N ARG D 45 -8.08 -26.14 17.21
CA ARG D 45 -8.29 -27.25 16.29
C ARG D 45 -8.05 -28.61 16.92
N GLN D 46 -6.91 -28.79 17.60
CA GLN D 46 -6.54 -30.07 18.19
C GLN D 46 -6.23 -29.86 19.66
N PRO D 47 -7.24 -29.90 20.54
CA PRO D 47 -6.96 -29.70 21.97
C PRO D 47 -5.90 -30.64 22.51
N GLU D 48 -5.98 -31.93 22.17
CA GLU D 48 -5.02 -32.89 22.70
C GLU D 48 -3.60 -32.57 22.23
N ALA D 49 -3.47 -31.80 21.16
CA ALA D 49 -2.15 -31.44 20.66
C ALA D 49 -1.47 -30.37 21.51
N GLN D 50 -2.16 -29.80 22.50
CA GLN D 50 -1.59 -28.71 23.27
C GLN D 50 -0.19 -29.05 23.75
N GLY D 51 -0.02 -30.23 24.35
CA GLY D 51 1.27 -30.59 24.90
C GLY D 51 2.39 -30.55 23.87
N ARG D 52 2.11 -31.01 22.65
CA ARG D 52 3.15 -31.01 21.63
C ARG D 52 3.24 -29.67 20.93
N LEU D 53 2.28 -28.78 21.16
CA LEU D 53 2.37 -27.43 20.58
C LEU D 53 3.26 -26.54 21.42
N PHE D 54 3.21 -26.67 22.74
CA PHE D 54 3.93 -25.74 23.61
C PHE D 54 5.43 -25.81 23.38
N THR D 55 5.95 -27.02 23.12
CA THR D 55 7.39 -27.15 22.92
C THR D 55 7.91 -26.29 21.79
N PRO D 56 7.41 -26.39 20.56
CA PRO D 56 7.84 -25.44 19.52
C PRO D 56 7.47 -24.00 19.84
N PHE D 57 6.30 -23.80 20.44
CA PHE D 57 5.84 -22.44 20.72
C PHE D 57 6.85 -21.69 21.59
N PHE D 58 7.16 -22.23 22.77
CA PHE D 58 8.18 -21.60 23.60
C PHE D 58 9.48 -21.44 22.86
N ILE D 59 9.79 -22.35 21.93
CA ILE D 59 11.04 -22.23 21.19
C ILE D 59 11.05 -20.96 20.34
N THR D 60 9.93 -20.66 19.69
CA THR D 60 9.91 -19.46 18.84
C THR D 60 9.79 -18.19 19.67
N VAL D 61 8.82 -18.15 20.58
CA VAL D 61 8.60 -16.92 21.34
C VAL D 61 9.87 -16.54 22.08
N GLY D 62 10.52 -17.52 22.73
CA GLY D 62 11.77 -17.22 23.40
C GLY D 62 12.75 -16.53 22.47
N LEU D 63 12.94 -17.10 21.29
CA LEU D 63 13.85 -16.47 20.32
C LEU D 63 13.35 -15.07 19.97
N VAL D 64 12.04 -14.91 19.78
CA VAL D 64 11.49 -13.58 19.56
C VAL D 64 11.89 -12.66 20.70
N GLU D 65 11.77 -13.14 21.94
CA GLU D 65 12.18 -12.32 23.07
C GLU D 65 13.68 -12.06 23.04
N ALA D 66 14.47 -13.05 22.64
CA ALA D 66 15.92 -12.97 22.79
C ALA D 66 16.44 -11.65 22.25
N ALA D 67 16.30 -11.43 20.94
CA ALA D 67 16.79 -10.18 20.36
C ALA D 67 16.26 -8.99 21.12
N TYR D 68 14.95 -8.95 21.38
CA TYR D 68 14.38 -7.84 22.11
C TYR D 68 15.11 -7.65 23.43
N PHE D 69 15.23 -8.71 24.22
CA PHE D 69 15.93 -8.57 25.49
C PHE D 69 17.37 -8.14 25.25
N ILE D 70 18.03 -8.74 24.26
CA ILE D 70 19.39 -8.31 23.92
C ILE D 70 19.39 -6.82 23.66
N ASN D 71 18.42 -6.35 22.85
CA ASN D 71 18.37 -4.94 22.53
C ASN D 71 18.35 -4.11 23.79
N LEU D 72 17.56 -4.53 24.79
CA LEU D 72 17.47 -3.76 26.02
C LEU D 72 18.87 -3.49 26.57
N ALA D 73 19.70 -4.53 26.64
CA ALA D 73 21.05 -4.34 27.15
C ALA D 73 21.75 -3.21 26.40
N PHE D 74 21.74 -3.29 25.07
CA PHE D 74 22.37 -2.23 24.29
C PHE D 74 21.77 -0.87 24.65
N MET D 75 20.45 -0.79 24.74
CA MET D 75 19.83 0.45 25.16
C MET D 75 20.40 0.90 26.50
N ALA D 76 20.44 -0.01 27.48
CA ALA D 76 20.97 0.35 28.79
C ALA D 76 22.42 0.81 28.69
N LEU D 77 23.17 0.27 27.73
CA LEU D 77 24.54 0.73 27.54
C LEU D 77 24.55 2.19 27.13
N PHE D 78 23.67 2.58 26.21
CA PHE D 78 23.69 3.95 25.70
C PHE D 78 23.37 4.95 26.81
N VAL D 79 22.27 4.72 27.53
CA VAL D 79 21.81 5.72 28.49
C VAL D 79 22.80 5.89 29.62
N PHE D 80 23.38 4.80 30.11
CA PHE D 80 24.28 4.83 31.26
C PHE D 80 25.75 4.77 30.88
N ALA D 81 26.10 3.97 29.88
CA ALA D 81 27.50 3.75 29.50
C ALA D 81 27.78 4.30 28.10
N THR D 82 27.26 5.49 27.82
CA THR D 82 27.41 6.13 26.52
C THR D 82 28.86 6.10 26.07
N PRO D 83 29.21 5.28 25.08
CA PRO D 83 30.59 5.26 24.60
C PRO D 83 31.00 6.62 24.06
N GLY D 84 32.25 6.99 24.30
CA GLY D 84 32.75 8.27 23.85
C GLY D 84 32.28 9.47 24.65
N LEU D 85 31.59 9.25 25.76
CA LEU D 85 31.15 10.37 26.58
C LEU D 85 32.34 11.19 27.06
N GLN D 86 32.24 12.50 26.93
CA GLN D 86 33.32 13.40 27.33
C GLN D 86 33.08 13.93 28.74
N LEU E 3 31.62 25.03 18.63
CA LEU E 3 31.19 23.85 19.35
C LEU E 3 32.09 22.66 19.02
N ASP E 4 32.15 21.69 19.91
CA ASP E 4 33.03 20.55 19.73
C ASP E 4 32.49 19.66 18.60
N PRO E 5 33.24 19.46 17.52
CA PRO E 5 32.74 18.55 16.47
C PRO E 5 32.57 17.12 16.95
N ASN E 6 33.42 16.69 17.89
CA ASN E 6 33.34 15.31 18.37
C ASN E 6 31.99 15.03 18.99
N ALA E 7 31.44 15.99 19.74
CA ALA E 7 30.14 15.80 20.35
C ALA E 7 29.06 15.58 19.28
N ILE E 8 29.06 16.42 18.24
CA ILE E 8 28.05 16.30 17.20
C ILE E 8 28.19 14.95 16.49
N ILE E 9 29.42 14.56 16.16
CA ILE E 9 29.63 13.30 15.46
C ILE E 9 29.21 12.12 16.32
N THR E 10 29.52 12.18 17.62
CA THR E 10 29.12 11.11 18.52
C THR E 10 27.62 11.00 18.62
N ALA E 11 26.93 12.15 18.71
CA ALA E 11 25.47 12.11 18.75
C ALA E 11 24.91 11.53 17.46
N GLY E 12 25.46 11.92 16.31
CA GLY E 12 25.02 11.36 15.06
C GLY E 12 25.22 9.85 15.00
N ALA E 13 26.39 9.39 15.47
CA ALA E 13 26.67 7.96 15.45
C ALA E 13 25.72 7.22 16.39
N LEU E 14 25.40 7.80 17.54
CA LEU E 14 24.48 7.15 18.46
C LEU E 14 23.08 7.05 17.87
N ILE E 15 22.62 8.11 17.22
CA ILE E 15 21.32 8.04 16.54
C ILE E 15 21.37 7.00 15.43
N GLY E 16 22.48 6.94 14.70
CA GLY E 16 22.62 5.94 13.66
C GLY E 16 22.50 4.53 14.20
N GLY E 17 23.21 4.25 15.31
CA GLY E 17 23.10 2.95 15.92
C GLY E 17 21.70 2.65 16.43
N GLY E 18 21.03 3.67 16.95
CA GLY E 18 19.66 3.51 17.34
C GLY E 18 18.80 3.04 16.19
N LEU E 19 18.95 3.68 15.03
CA LEU E 19 18.22 3.26 13.84
C LEU E 19 18.62 1.85 13.43
N ILE E 20 19.93 1.57 13.43
CA ILE E 20 20.42 0.25 13.06
C ILE E 20 19.65 -0.81 13.84
N MET E 21 19.70 -0.71 15.16
CA MET E 21 19.14 -1.77 15.98
C MET E 21 17.62 -1.75 16.00
N GLY E 22 16.99 -0.59 15.82
CA GLY E 22 15.55 -0.60 15.67
C GLY E 22 15.14 -1.42 14.47
N GLY E 23 15.76 -1.17 13.33
CA GLY E 23 15.45 -1.94 12.14
C GLY E 23 15.78 -3.41 12.31
N GLY E 24 16.94 -3.71 12.88
CA GLY E 24 17.33 -5.10 13.08
C GLY E 24 16.38 -5.83 14.00
N ALA E 25 15.99 -5.20 15.10
CA ALA E 25 15.07 -5.83 16.03
C ALA E 25 13.71 -6.07 15.40
N ILE E 26 13.18 -5.06 14.68
CA ILE E 26 11.91 -5.27 14.01
C ILE E 26 12.00 -6.44 13.05
N GLY E 27 13.05 -6.46 12.22
CA GLY E 27 13.17 -7.54 11.24
C GLY E 27 13.27 -8.90 11.90
N ALA E 28 14.14 -9.02 12.91
CA ALA E 28 14.32 -10.31 13.57
C ALA E 28 13.02 -10.76 14.22
N GLY E 29 12.39 -9.87 14.98
CA GLY E 29 11.17 -10.26 15.68
C GLY E 29 10.08 -10.70 14.72
N ILE E 30 9.83 -9.90 13.67
CA ILE E 30 8.76 -10.22 12.74
C ILE E 30 9.04 -11.53 12.03
N GLY E 31 10.25 -11.67 11.47
CA GLY E 31 10.57 -12.88 10.75
C GLY E 31 10.49 -14.11 11.63
N ASP E 32 11.04 -14.01 12.85
CA ASP E 32 11.04 -15.15 13.74
C ASP E 32 9.62 -15.52 14.15
N GLY E 33 8.79 -14.50 14.43
CA GLY E 33 7.42 -14.78 14.81
C GLY E 33 6.65 -15.48 13.71
N ILE E 34 6.79 -15.01 12.47
CA ILE E 34 6.04 -15.64 11.39
C ILE E 34 6.58 -17.03 11.10
N ALA E 35 7.91 -17.21 11.12
CA ALA E 35 8.46 -18.53 10.92
C ALA E 35 7.98 -19.49 12.00
N GLY E 36 7.96 -19.04 13.25
CA GLY E 36 7.36 -19.81 14.31
C GLY E 36 5.96 -20.19 13.90
N ASN E 37 5.08 -19.21 13.77
CA ASN E 37 3.69 -19.49 13.44
C ASN E 37 3.58 -20.59 12.40
N ALA E 38 4.39 -20.51 11.35
CA ALA E 38 4.37 -21.55 10.33
C ALA E 38 4.72 -22.91 10.93
N LEU E 39 5.80 -22.96 11.72
CA LEU E 39 6.24 -24.24 12.26
C LEU E 39 5.22 -24.83 13.23
N ILE E 40 4.67 -23.99 14.11
CA ILE E 40 3.64 -24.45 15.04
C ILE E 40 2.43 -24.95 14.28
N SER E 41 2.00 -24.23 13.25
CA SER E 41 0.85 -24.69 12.47
C SER E 41 1.15 -26.05 11.85
N GLY E 42 2.32 -26.20 11.25
CA GLY E 42 2.67 -27.46 10.65
C GLY E 42 2.67 -28.60 11.66
N ILE E 43 3.24 -28.36 12.84
CA ILE E 43 3.26 -29.39 13.87
C ILE E 43 1.85 -29.75 14.28
N ALA E 44 0.99 -28.75 14.47
CA ALA E 44 -0.40 -29.01 14.80
C ALA E 44 -1.03 -29.92 13.74
N ARG E 45 -0.82 -29.58 12.47
CA ARG E 45 -1.34 -30.43 11.40
C ARG E 45 -0.70 -31.81 11.45
N GLN E 46 0.63 -31.86 11.56
CA GLN E 46 1.37 -33.13 11.55
C GLN E 46 2.08 -33.32 12.88
N PRO E 47 1.63 -34.21 13.76
CA PRO E 47 2.34 -34.38 15.04
C PRO E 47 3.76 -34.89 14.88
N GLU E 48 3.95 -36.02 14.21
CA GLU E 48 5.27 -36.59 14.08
C GLU E 48 6.21 -35.73 13.24
N ALA E 49 5.67 -34.85 12.40
CA ALA E 49 6.49 -34.11 11.46
C ALA E 49 7.40 -33.11 12.15
N GLN E 50 7.21 -32.86 13.45
CA GLN E 50 7.98 -31.82 14.13
C GLN E 50 9.46 -31.94 13.83
N GLY E 51 10.01 -33.15 13.88
CA GLY E 51 11.41 -33.33 13.56
C GLY E 51 11.74 -32.85 12.16
N ARG E 52 11.07 -33.41 11.16
CA ARG E 52 11.41 -33.07 9.77
C ARG E 52 11.10 -31.60 9.49
N LEU E 53 10.25 -30.97 10.30
CA LEU E 53 9.95 -29.56 10.11
C LEU E 53 11.04 -28.67 10.70
N PHE E 54 11.79 -29.16 11.70
CA PHE E 54 12.78 -28.31 12.34
C PHE E 54 13.87 -27.87 11.36
N THR E 55 14.32 -28.79 10.50
CA THR E 55 15.43 -28.45 9.61
C THR E 55 15.10 -27.24 8.73
N PRO E 56 14.00 -27.21 7.99
CA PRO E 56 13.70 -25.97 7.24
C PRO E 56 13.51 -24.76 8.14
N PHE E 57 12.93 -24.95 9.32
CA PHE E 57 12.71 -23.81 10.21
C PHE E 57 14.04 -23.15 10.57
N PHE E 58 15.04 -23.96 10.92
CA PHE E 58 16.35 -23.41 11.26
C PHE E 58 16.95 -22.70 10.06
N ILE E 59 16.58 -23.11 8.84
CA ILE E 59 17.04 -22.38 7.66
C ILE E 59 16.47 -20.97 7.66
N THR E 60 15.19 -20.84 8.03
CA THR E 60 14.56 -19.52 8.03
C THR E 60 15.17 -18.62 9.09
N VAL E 61 15.07 -19.02 10.37
CA VAL E 61 15.59 -18.19 11.44
C VAL E 61 17.08 -17.91 11.28
N GLY E 62 17.83 -18.86 10.72
CA GLY E 62 19.24 -18.62 10.48
C GLY E 62 19.48 -17.43 9.57
N LEU E 63 18.61 -17.27 8.56
CA LEU E 63 18.75 -16.12 7.66
C LEU E 63 18.47 -14.82 8.39
N VAL E 64 17.25 -14.67 8.91
CA VAL E 64 16.88 -13.39 9.52
C VAL E 64 17.86 -13.02 10.61
N GLU E 65 18.17 -13.95 11.51
CA GLU E 65 19.09 -13.64 12.60
C GLU E 65 20.42 -13.15 12.08
N ALA E 66 20.94 -13.77 11.02
CA ALA E 66 22.18 -13.28 10.44
C ALA E 66 22.08 -11.79 10.16
N ALA E 67 21.03 -11.37 9.44
CA ALA E 67 20.85 -9.95 9.20
C ALA E 67 20.89 -9.19 10.51
N TYR E 68 20.08 -9.63 11.49
CA TYR E 68 20.11 -8.99 12.80
C TYR E 68 21.53 -8.92 13.33
N PHE E 69 22.23 -10.06 13.35
CA PHE E 69 23.59 -10.06 13.83
C PHE E 69 24.46 -9.13 13.01
N ILE E 70 24.29 -9.12 11.69
CA ILE E 70 25.05 -8.18 10.88
C ILE E 70 24.85 -6.78 11.41
N ASN E 71 23.60 -6.38 11.64
CA ASN E 71 23.34 -5.03 12.12
C ASN E 71 24.12 -4.78 13.40
N LEU E 72 24.13 -5.75 14.33
CA LEU E 72 24.91 -5.57 15.54
C LEU E 72 26.31 -5.10 15.20
N ALA E 73 27.03 -5.86 14.39
CA ALA E 73 28.38 -5.46 14.05
C ALA E 73 28.40 -4.01 13.60
N PHE E 74 27.54 -3.67 12.64
CA PHE E 74 27.59 -2.32 12.09
C PHE E 74 27.32 -1.29 13.16
N MET E 75 26.29 -1.48 13.99
CA MET E 75 26.06 -0.47 15.01
C MET E 75 27.25 -0.40 15.96
N ALA E 76 27.80 -1.56 16.32
CA ALA E 76 29.04 -1.54 17.10
C ALA E 76 30.09 -0.70 16.37
N LEU E 77 30.30 -0.99 15.08
CA LEU E 77 31.27 -0.25 14.30
C LEU E 77 30.97 1.24 14.37
N PHE E 78 29.69 1.60 14.38
CA PHE E 78 29.34 3.02 14.47
C PHE E 78 29.62 3.58 15.85
N VAL E 79 29.22 2.86 16.89
CA VAL E 79 29.27 3.44 18.23
C VAL E 79 30.68 3.41 18.78
N PHE E 80 31.41 2.32 18.54
CA PHE E 80 32.72 2.16 19.15
C PHE E 80 33.82 2.79 18.31
N ALA E 81 33.75 2.65 16.98
CA ALA E 81 34.75 3.18 16.06
C ALA E 81 34.04 4.07 15.06
N THR E 82 33.82 5.32 15.43
CA THR E 82 33.07 6.24 14.58
C THR E 82 33.96 6.78 13.47
N PRO E 83 33.68 6.50 12.20
CA PRO E 83 34.50 7.07 11.13
C PRO E 83 34.42 8.59 11.13
N GLY E 84 35.56 9.22 10.85
CA GLY E 84 35.61 10.68 10.81
C GLY E 84 35.18 11.33 12.10
N LEU E 85 35.63 10.80 13.24
CA LEU E 85 35.25 11.39 14.52
C LEU E 85 35.88 12.76 14.70
N GLN E 86 37.18 12.88 14.45
CA GLN E 86 37.91 14.14 14.50
C GLN E 86 37.32 15.17 15.47
N LEU F 3 30.92 26.12 14.19
CA LEU F 3 30.64 24.72 13.84
C LEU F 3 31.26 24.36 12.50
N ASP F 4 32.09 23.34 12.50
CA ASP F 4 32.77 22.93 11.28
C ASP F 4 31.80 22.21 10.36
N PRO F 5 31.71 22.60 9.08
CA PRO F 5 30.77 21.91 8.18
C PRO F 5 30.97 20.41 8.10
N ASN F 6 32.22 19.95 8.11
CA ASN F 6 32.48 18.53 7.91
C ASN F 6 31.95 17.71 9.07
N ALA F 7 32.01 18.23 10.29
CA ALA F 7 31.46 17.51 11.43
C ALA F 7 29.97 17.29 11.25
N ILE F 8 29.25 18.33 10.85
CA ILE F 8 27.80 18.22 10.65
C ILE F 8 27.51 17.25 9.51
N ILE F 9 28.29 17.34 8.43
CA ILE F 9 28.06 16.44 7.30
C ILE F 9 28.27 15.00 7.72
N THR F 10 29.32 14.74 8.51
CA THR F 10 29.58 13.37 8.96
C THR F 10 28.48 12.87 9.87
N ALA F 11 28.00 13.73 10.78
CA ALA F 11 26.90 13.32 11.65
C ALA F 11 25.67 12.96 10.83
N GLY F 12 25.31 13.82 9.87
CA GLY F 12 24.15 13.53 9.04
C GLY F 12 24.33 12.27 8.23
N ALA F 13 25.53 12.06 7.69
CA ALA F 13 25.78 10.85 6.90
C ALA F 13 25.68 9.60 7.77
N LEU F 14 26.18 9.67 9.00
CA LEU F 14 26.06 8.52 9.89
C LEU F 14 24.61 8.22 10.22
N ILE F 15 23.82 9.26 10.49
CA ILE F 15 22.40 9.04 10.74
C ILE F 15 21.73 8.43 9.52
N GLY F 16 22.05 8.95 8.34
CA GLY F 16 21.45 8.43 7.12
C GLY F 16 21.80 6.98 6.88
N GLY F 17 23.07 6.62 7.08
CA GLY F 17 23.47 5.23 6.93
C GLY F 17 22.80 4.33 7.94
N GLY F 18 22.67 4.79 9.18
CA GLY F 18 21.95 4.02 10.17
C GLY F 18 20.52 3.77 9.76
N LEU F 19 19.84 4.82 9.27
CA LEU F 19 18.47 4.65 8.80
C LEU F 19 18.39 3.68 7.63
N ILE F 20 19.32 3.80 6.70
CA ILE F 20 19.34 2.92 5.53
C ILE F 20 19.46 1.47 5.98
N MET F 21 20.40 1.20 6.87
CA MET F 21 20.62 -0.17 7.30
C MET F 21 19.46 -0.68 8.15
N GLY F 22 18.82 0.20 8.93
CA GLY F 22 17.64 -0.23 9.65
C GLY F 22 16.52 -0.67 8.72
N GLY F 23 16.26 0.13 7.69
CA GLY F 23 15.27 -0.26 6.71
C GLY F 23 15.64 -1.54 5.99
N GLY F 24 16.91 -1.68 5.61
CA GLY F 24 17.34 -2.91 4.96
C GLY F 24 17.17 -4.12 5.85
N ALA F 25 17.51 -4.00 7.12
CA ALA F 25 17.35 -5.11 8.04
C ALA F 25 15.88 -5.47 8.19
N ILE F 26 15.00 -4.46 8.31
CA ILE F 26 13.57 -4.75 8.39
C ILE F 26 13.13 -5.54 7.18
N GLY F 27 13.48 -5.05 5.99
CA GLY F 27 13.06 -5.72 4.78
C GLY F 27 13.57 -7.15 4.69
N ALA F 28 14.87 -7.33 4.94
CA ALA F 28 15.46 -8.66 4.82
C ALA F 28 14.83 -9.61 5.83
N GLY F 29 14.70 -9.19 7.09
CA GLY F 29 14.14 -10.07 8.09
C GLY F 29 12.72 -10.47 7.75
N ILE F 30 11.87 -9.50 7.43
CA ILE F 30 10.47 -9.82 7.16
C ILE F 30 10.35 -10.70 5.92
N GLY F 31 11.07 -10.37 4.86
CA GLY F 31 10.98 -11.17 3.64
C GLY F 31 11.44 -12.59 3.86
N ASP F 32 12.59 -12.76 4.53
CA ASP F 32 13.09 -14.10 4.79
C ASP F 32 12.11 -14.88 5.66
N GLY F 33 11.53 -14.24 6.67
CA GLY F 33 10.57 -14.94 7.50
C GLY F 33 9.35 -15.36 6.73
N ILE F 34 8.84 -14.50 5.85
CA ILE F 34 7.67 -14.88 5.05
C ILE F 34 7.99 -16.04 4.12
N ALA F 35 9.14 -15.97 3.45
CA ALA F 35 9.53 -17.05 2.55
C ALA F 35 9.69 -18.36 3.32
N GLY F 36 10.32 -18.30 4.50
CA GLY F 36 10.44 -19.49 5.32
C GLY F 36 9.11 -20.02 5.79
N ASN F 37 8.17 -19.11 6.08
CA ASN F 37 6.82 -19.55 6.43
C ASN F 37 6.22 -20.36 5.30
N ALA F 38 6.33 -19.86 4.07
CA ALA F 38 5.81 -20.60 2.94
C ALA F 38 6.52 -21.94 2.78
N LEU F 39 7.84 -21.95 2.95
CA LEU F 39 8.59 -23.19 2.82
C LEU F 39 8.17 -24.20 3.88
N ILE F 40 7.99 -23.75 5.11
CA ILE F 40 7.59 -24.64 6.19
C ILE F 40 6.22 -25.23 5.90
N SER F 41 5.28 -24.39 5.47
CA SER F 41 3.97 -24.90 5.12
C SER F 41 4.09 -25.95 4.02
N GLY F 42 4.86 -25.66 2.98
CA GLY F 42 4.99 -26.60 1.88
C GLY F 42 5.57 -27.93 2.33
N ILE F 43 6.66 -27.89 3.10
CA ILE F 43 7.29 -29.12 3.56
C ILE F 43 6.32 -29.90 4.44
N ALA F 44 5.54 -29.20 5.27
CA ALA F 44 4.54 -29.90 6.08
C ALA F 44 3.51 -30.58 5.19
N ARG F 45 3.09 -29.92 4.11
CA ARG F 45 2.08 -30.51 3.24
C ARG F 45 2.61 -31.78 2.57
N GLN F 46 3.79 -31.71 1.96
CA GLN F 46 4.35 -32.83 1.22
C GLN F 46 5.86 -32.87 1.45
N PRO F 47 6.35 -33.74 2.33
CA PRO F 47 7.79 -33.73 2.65
C PRO F 47 8.68 -33.91 1.44
N GLU F 48 8.34 -34.82 0.53
CA GLU F 48 9.19 -35.08 -0.62
C GLU F 48 9.40 -33.83 -1.45
N ALA F 49 8.43 -32.90 -1.41
CA ALA F 49 8.54 -31.67 -2.19
C ALA F 49 9.73 -30.83 -1.77
N GLN F 50 10.29 -31.06 -0.58
CA GLN F 50 11.30 -30.17 -0.04
C GLN F 50 12.39 -29.89 -1.07
N GLY F 51 12.91 -30.94 -1.70
CA GLY F 51 14.02 -30.76 -2.63
C GLY F 51 13.71 -29.75 -3.71
N ARG F 52 12.51 -29.82 -4.28
CA ARG F 52 12.15 -28.87 -5.33
C ARG F 52 11.81 -27.50 -4.77
N LEU F 53 11.27 -27.43 -3.55
CA LEU F 53 10.81 -26.16 -3.02
C LEU F 53 11.93 -25.15 -2.92
N PHE F 54 13.18 -25.62 -2.76
CA PHE F 54 14.30 -24.70 -2.65
C PHE F 54 14.52 -23.90 -3.92
N THR F 55 14.04 -24.38 -5.06
CA THR F 55 14.20 -23.61 -6.30
C THR F 55 13.52 -22.25 -6.21
N PRO F 56 12.18 -22.16 -6.11
CA PRO F 56 11.57 -20.83 -5.93
C PRO F 56 12.01 -20.15 -4.65
N PHE F 57 12.13 -20.89 -3.54
CA PHE F 57 12.43 -20.26 -2.27
C PHE F 57 13.73 -19.46 -2.36
N PHE F 58 14.80 -20.09 -2.83
CA PHE F 58 16.06 -19.38 -2.95
C PHE F 58 15.92 -18.14 -3.81
N ILE F 59 15.06 -18.18 -4.83
CA ILE F 59 14.83 -16.98 -5.62
C ILE F 59 14.29 -15.86 -4.74
N THR F 60 13.24 -16.16 -3.97
CA THR F 60 12.63 -15.16 -3.12
C THR F 60 13.68 -14.45 -2.27
N VAL F 61 14.34 -15.22 -1.39
CA VAL F 61 15.41 -14.64 -0.58
C VAL F 61 16.47 -14.05 -1.48
N GLY F 62 16.82 -14.75 -2.55
CA GLY F 62 17.80 -14.22 -3.48
C GLY F 62 17.34 -12.91 -4.09
N LEU F 63 16.05 -12.79 -4.36
CA LEU F 63 15.48 -11.55 -4.87
C LEU F 63 15.11 -10.58 -3.76
N VAL F 64 15.17 -11.02 -2.50
CA VAL F 64 14.95 -10.15 -1.36
C VAL F 64 16.27 -9.71 -0.74
N GLU F 65 17.12 -10.68 -0.38
CA GLU F 65 18.41 -10.34 0.21
C GLU F 65 19.19 -9.40 -0.69
N ALA F 66 19.06 -9.55 -2.01
CA ALA F 66 19.72 -8.61 -2.92
C ALA F 66 19.37 -7.18 -2.57
N ALA F 67 18.07 -6.89 -2.43
CA ALA F 67 17.65 -5.56 -2.03
C ALA F 67 18.37 -5.12 -0.77
N TYR F 68 18.49 -6.02 0.21
CA TYR F 68 19.27 -5.71 1.40
C TYR F 68 20.73 -5.49 1.04
N PHE F 69 21.33 -6.46 0.34
CA PHE F 69 22.75 -6.36 0.03
C PHE F 69 23.03 -5.09 -0.77
N ILE F 70 22.26 -4.86 -1.83
CA ILE F 70 22.42 -3.62 -2.58
C ILE F 70 22.28 -2.44 -1.63
N ASN F 71 21.24 -2.46 -0.80
CA ASN F 71 21.07 -1.39 0.18
C ASN F 71 22.31 -1.24 1.03
N LEU F 72 22.85 -2.36 1.53
CA LEU F 72 24.08 -2.30 2.31
C LEU F 72 25.16 -1.52 1.57
N ALA F 73 25.37 -1.88 0.29
CA ALA F 73 26.40 -1.20 -0.48
C ALA F 73 26.18 0.31 -0.47
N PHE F 74 24.93 0.74 -0.66
CA PHE F 74 24.67 2.17 -0.72
C PHE F 74 25.04 2.85 0.58
N MET F 75 24.80 2.17 1.71
CA MET F 75 25.18 2.77 2.99
C MET F 75 26.66 3.12 3.02
N ALA F 76 27.50 2.29 2.40
CA ALA F 76 28.91 2.59 2.36
C ALA F 76 29.15 3.97 1.75
N LEU F 77 28.49 4.23 0.62
CA LEU F 77 28.66 5.52 -0.05
C LEU F 77 28.28 6.68 0.86
N PHE F 78 27.47 6.43 1.88
CA PHE F 78 27.13 7.49 2.82
C PHE F 78 28.21 7.70 3.86
N VAL F 79 28.80 6.62 4.37
CA VAL F 79 29.65 6.71 5.56
C VAL F 79 31.11 6.86 5.19
N PHE F 80 31.63 5.95 4.37
CA PHE F 80 33.06 5.95 4.10
C PHE F 80 33.46 7.04 3.12
N ALA F 81 32.58 7.41 2.20
CA ALA F 81 32.82 8.49 1.25
C ALA F 81 31.63 9.45 1.33
N THR F 82 31.69 10.38 2.27
CA THR F 82 30.61 11.32 2.47
C THR F 82 30.54 12.30 1.30
N PRO F 83 29.56 12.18 0.40
CA PRO F 83 29.52 13.09 -0.75
C PRO F 83 29.33 14.54 -0.31
N GLY F 84 29.97 15.44 -1.06
CA GLY F 84 29.80 16.86 -0.80
C GLY F 84 30.21 17.28 0.60
N LEU F 85 31.26 16.67 1.13
CA LEU F 85 31.73 17.00 2.47
C LEU F 85 32.39 18.37 2.49
N LEU G 3 27.73 30.13 9.75
CA LEU G 3 27.72 28.72 9.37
C LEU G 3 27.61 28.56 7.86
N ASP G 4 28.18 27.50 7.34
CA ASP G 4 28.14 27.24 5.90
C ASP G 4 26.78 26.65 5.53
N PRO G 5 26.03 27.26 4.59
CA PRO G 5 24.77 26.64 4.17
C PRO G 5 24.94 25.23 3.63
N ASN G 6 26.06 24.96 2.96
CA ASN G 6 26.28 23.65 2.37
C ASN G 6 26.20 22.56 3.42
N ALA G 7 26.68 22.83 4.63
CA ALA G 7 26.64 21.80 5.67
C ALA G 7 25.21 21.35 5.95
N ILE G 8 24.33 22.30 6.24
CA ILE G 8 22.95 21.96 6.54
C ILE G 8 22.28 21.30 5.35
N ILE G 9 22.48 21.87 4.16
CA ILE G 9 21.80 21.34 2.98
C ILE G 9 22.26 19.90 2.70
N THR G 10 23.56 19.66 2.79
CA THR G 10 24.08 18.32 2.49
C THR G 10 23.67 17.32 3.56
N ALA G 11 23.65 17.72 4.83
CA ALA G 11 23.19 16.81 5.86
C ALA G 11 21.72 16.46 5.65
N GLY G 12 20.89 17.46 5.32
CA GLY G 12 19.50 17.17 5.04
C GLY G 12 19.35 16.24 3.86
N ALA G 13 20.16 16.45 2.81
CA ALA G 13 20.10 15.57 1.65
C ALA G 13 20.49 14.15 2.01
N LEU G 14 21.54 13.99 2.82
CA LEU G 14 21.96 12.66 3.23
C LEU G 14 20.86 11.95 4.00
N ILE G 15 20.24 12.67 4.94
CA ILE G 15 19.19 12.05 5.75
C ILE G 15 17.98 11.73 4.88
N GLY G 16 17.64 12.61 3.95
CA GLY G 16 16.51 12.32 3.06
C GLY G 16 16.74 11.10 2.20
N GLY G 17 17.92 11.02 1.59
CA GLY G 17 18.26 9.85 0.79
C GLY G 17 18.26 8.58 1.63
N GLY G 18 18.74 8.67 2.87
CA GLY G 18 18.68 7.53 3.75
C GLY G 18 17.25 7.10 4.03
N LEU G 19 16.36 8.07 4.24
CA LEU G 19 14.94 7.76 4.36
C LEU G 19 14.45 7.03 3.12
N ILE G 20 14.83 7.53 1.94
CA ILE G 20 14.35 6.94 0.69
C ILE G 20 14.77 5.48 0.63
N MET G 21 16.04 5.19 0.88
CA MET G 21 16.51 3.81 0.82
C MET G 21 15.90 2.94 1.91
N GLY G 22 15.71 3.48 3.11
CA GLY G 22 15.05 2.69 4.14
C GLY G 22 13.67 2.24 3.71
N GLY G 23 12.86 3.19 3.23
CA GLY G 23 11.54 2.84 2.77
C GLY G 23 11.57 1.90 1.59
N GLY G 24 12.46 2.16 0.63
CA GLY G 24 12.53 1.31 -0.54
C GLY G 24 12.91 -0.12 -0.19
N ALA G 25 13.92 -0.28 0.66
CA ALA G 25 14.33 -1.61 1.09
C ALA G 25 13.19 -2.32 1.80
N ILE G 26 12.53 -1.61 2.72
CA ILE G 26 11.42 -2.25 3.44
C ILE G 26 10.37 -2.73 2.46
N GLY G 27 9.93 -1.85 1.57
CA GLY G 27 8.85 -2.20 0.67
C GLY G 27 9.23 -3.32 -0.27
N ALA G 28 10.41 -3.21 -0.89
CA ALA G 28 10.84 -4.22 -1.84
C ALA G 28 10.98 -5.58 -1.16
N GLY G 29 11.68 -5.61 -0.02
CA GLY G 29 11.88 -6.87 0.66
C GLY G 29 10.57 -7.53 1.04
N ILE G 30 9.67 -6.77 1.66
CA ILE G 30 8.45 -7.38 2.14
C ILE G 30 7.56 -7.81 0.98
N GLY G 31 7.39 -6.95 -0.03
CA GLY G 31 6.53 -7.31 -1.15
C GLY G 31 7.07 -8.49 -1.93
N ASP G 32 8.38 -8.50 -2.18
CA ASP G 32 8.98 -9.64 -2.87
C ASP G 32 8.85 -10.91 -2.05
N GLY G 33 9.00 -10.80 -0.73
CA GLY G 33 8.81 -11.97 0.12
C GLY G 33 7.40 -12.50 0.05
N ILE G 34 6.41 -11.59 0.04
CA ILE G 34 5.02 -12.03 -0.04
C ILE G 34 4.76 -12.72 -1.38
N ALA G 35 5.27 -12.15 -2.47
CA ALA G 35 5.10 -12.79 -3.78
C ALA G 35 5.75 -14.17 -3.79
N GLY G 36 6.95 -14.28 -3.23
CA GLY G 36 7.60 -15.57 -3.13
C GLY G 36 6.82 -16.55 -2.27
N ASN G 37 6.19 -16.05 -1.22
CA ASN G 37 5.33 -16.91 -0.40
C ASN G 37 4.19 -17.47 -1.23
N ALA G 38 3.56 -16.62 -2.04
CA ALA G 38 2.51 -17.12 -2.92
C ALA G 38 3.07 -18.19 -3.86
N LEU G 39 4.24 -17.94 -4.43
CA LEU G 39 4.82 -18.90 -5.36
C LEU G 39 5.11 -20.23 -4.68
N ILE G 40 5.66 -20.19 -3.48
CA ILE G 40 6.00 -21.40 -2.74
C ILE G 40 4.73 -22.18 -2.39
N SER G 41 3.70 -21.46 -1.95
CA SER G 41 2.44 -22.13 -1.64
C SER G 41 1.88 -22.81 -2.88
N GLY G 42 1.91 -22.12 -4.01
CA GLY G 42 1.44 -22.74 -5.24
C GLY G 42 2.23 -23.99 -5.59
N ILE G 43 3.56 -23.89 -5.51
CA ILE G 43 4.39 -25.03 -5.87
C ILE G 43 4.09 -26.22 -4.96
N ALA G 44 4.01 -25.98 -3.65
CA ALA G 44 3.76 -27.06 -2.72
C ALA G 44 2.39 -27.69 -2.95
N ARG G 45 1.37 -26.86 -3.17
CA ARG G 45 0.04 -27.40 -3.42
C ARG G 45 -0.07 -27.95 -4.83
N GLN G 46 0.75 -27.47 -5.75
CA GLN G 46 0.70 -27.90 -7.15
C GLN G 46 2.12 -28.02 -7.68
N PRO G 47 2.73 -29.22 -7.58
CA PRO G 47 4.12 -29.37 -8.03
C PRO G 47 4.32 -29.04 -9.50
N GLU G 48 3.34 -29.32 -10.35
CA GLU G 48 3.52 -29.21 -11.79
C GLU G 48 3.15 -27.85 -12.36
N ALA G 49 2.81 -26.89 -11.50
CA ALA G 49 2.38 -25.57 -11.96
C ALA G 49 3.53 -24.57 -12.09
N GLN G 50 4.77 -25.00 -11.91
CA GLN G 50 5.88 -24.05 -11.82
C GLN G 50 5.92 -23.14 -13.03
N GLY G 51 5.64 -23.66 -14.23
CA GLY G 51 5.65 -22.83 -15.41
C GLY G 51 4.54 -21.79 -15.40
N ARG G 52 3.34 -22.19 -15.01
CA ARG G 52 2.20 -21.27 -15.04
C ARG G 52 2.36 -20.14 -14.03
N LEU G 53 2.89 -20.45 -12.84
CA LEU G 53 2.98 -19.46 -11.78
C LEU G 53 4.15 -18.50 -11.95
N PHE G 54 5.16 -18.85 -12.75
CA PHE G 54 6.29 -17.97 -12.91
C PHE G 54 5.90 -16.65 -13.56
N THR G 55 5.05 -16.69 -14.58
CA THR G 55 4.70 -15.46 -15.27
C THR G 55 4.05 -14.44 -14.34
N PRO G 56 3.04 -14.78 -13.53
CA PRO G 56 2.55 -13.79 -12.55
C PRO G 56 3.63 -13.32 -11.61
N PHE G 57 4.50 -14.23 -11.16
CA PHE G 57 5.55 -13.85 -10.23
C PHE G 57 6.35 -12.67 -10.75
N PHE G 58 6.91 -12.80 -11.95
CA PHE G 58 7.72 -11.72 -12.50
C PHE G 58 6.88 -10.46 -12.72
N ILE G 59 5.58 -10.63 -12.98
CA ILE G 59 4.71 -9.45 -13.10
C ILE G 59 4.70 -8.69 -11.80
N THR G 60 4.59 -9.41 -10.68
CA THR G 60 4.65 -8.74 -9.39
C THR G 60 6.03 -8.14 -9.15
N VAL G 61 7.08 -8.95 -9.30
CA VAL G 61 8.43 -8.48 -9.01
C VAL G 61 8.71 -7.20 -9.81
N GLY G 62 8.44 -7.23 -11.11
CA GLY G 62 8.72 -6.07 -11.94
C GLY G 62 8.12 -4.80 -11.36
N LEU G 63 6.89 -4.90 -10.84
CA LEU G 63 6.31 -3.75 -10.17
C LEU G 63 7.09 -3.41 -8.92
N VAL G 64 7.17 -4.37 -7.98
CA VAL G 64 7.80 -4.09 -6.69
C VAL G 64 9.19 -3.50 -6.90
N GLU G 65 10.08 -4.28 -7.50
CA GLU G 65 11.44 -3.80 -7.72
C GLU G 65 11.45 -2.44 -8.39
N ALA G 66 10.56 -2.21 -9.34
CA ALA G 66 10.55 -0.93 -10.04
C ALA G 66 10.50 0.22 -9.04
N ALA G 67 9.52 0.18 -8.13
CA ALA G 67 9.42 1.22 -7.13
C ALA G 67 10.76 1.37 -6.40
N TYR G 68 11.31 0.26 -5.91
CA TYR G 68 12.59 0.32 -5.23
C TYR G 68 13.62 1.03 -6.10
N PHE G 69 13.76 0.58 -7.35
CA PHE G 69 14.76 1.20 -8.20
C PHE G 69 14.45 2.67 -8.42
N ILE G 70 13.18 3.02 -8.62
CA ILE G 70 12.82 4.43 -8.67
C ILE G 70 13.40 5.14 -7.46
N ASN G 71 13.08 4.65 -6.26
CA ASN G 71 13.65 5.25 -5.06
C ASN G 71 15.17 5.32 -5.15
N LEU G 72 15.81 4.21 -5.52
CA LEU G 72 17.25 4.23 -5.73
C LEU G 72 17.65 5.43 -6.56
N ALA G 73 17.08 5.55 -7.77
CA ALA G 73 17.44 6.66 -8.64
C ALA G 73 17.27 7.99 -7.91
N PHE G 74 16.13 8.19 -7.24
CA PHE G 74 15.89 9.47 -6.61
C PHE G 74 16.98 9.81 -5.61
N MET G 75 17.45 8.81 -4.84
CA MET G 75 18.47 9.12 -3.86
C MET G 75 19.69 9.72 -4.54
N ALA G 76 20.07 9.22 -5.71
CA ALA G 76 21.18 9.83 -6.43
C ALA G 76 20.95 11.32 -6.57
N LEU G 77 19.78 11.71 -7.07
CA LEU G 77 19.46 13.13 -7.17
C LEU G 77 19.59 13.82 -5.83
N PHE G 78 19.07 13.19 -4.77
CA PHE G 78 19.21 13.77 -3.44
C PHE G 78 20.67 13.81 -3.03
N VAL G 79 21.42 12.75 -3.33
CA VAL G 79 22.78 12.63 -2.80
C VAL G 79 23.76 13.42 -3.66
N PHE G 80 23.76 13.16 -4.97
CA PHE G 80 24.80 13.71 -5.82
C PHE G 80 24.48 15.14 -6.24
N ALA G 81 23.30 15.35 -6.81
CA ALA G 81 22.89 16.68 -7.30
C ALA G 81 21.68 17.12 -6.50
N THR G 82 21.94 17.68 -5.33
CA THR G 82 20.87 18.06 -4.42
C THR G 82 20.14 19.28 -4.94
N PRO G 83 18.82 19.23 -5.11
CA PRO G 83 18.09 20.42 -5.56
C PRO G 83 18.33 21.58 -4.59
N GLY G 84 18.50 22.77 -5.16
CA GLY G 84 18.70 23.96 -4.35
C GLY G 84 20.00 23.97 -3.57
N LEU G 85 20.97 23.14 -3.95
CA LEU G 85 22.24 23.11 -3.24
C LEU G 85 22.93 24.46 -3.34
N GLN G 86 23.45 24.93 -2.22
CA GLN G 86 24.14 26.22 -2.17
C GLN G 86 24.81 26.43 -0.82
N LEU H 3 22.50 32.65 9.78
CA LEU H 3 22.81 31.25 9.52
C LEU H 3 22.24 30.80 8.19
N ASP H 4 21.89 31.76 7.32
CA ASP H 4 21.36 31.44 6.00
C ASP H 4 20.09 30.61 6.12
N PRO H 5 18.97 31.22 6.54
CA PRO H 5 17.72 30.45 6.67
C PRO H 5 17.39 29.62 5.43
N ASN H 6 17.90 30.04 4.28
CA ASN H 6 17.75 29.24 3.07
C ASN H 6 18.22 27.81 3.31
N ALA H 7 19.36 27.64 3.98
CA ALA H 7 19.86 26.30 4.25
C ALA H 7 18.89 25.52 5.12
N ILE H 8 18.34 26.17 6.15
CA ILE H 8 17.43 25.47 7.06
C ILE H 8 16.20 25.00 6.30
N ILE H 9 15.62 25.87 5.48
CA ILE H 9 14.41 25.49 4.76
C ILE H 9 14.73 24.41 3.73
N THR H 10 15.90 24.49 3.09
CA THR H 10 16.27 23.46 2.12
C THR H 10 16.42 22.11 2.79
N ALA H 11 17.09 22.06 3.95
CA ALA H 11 17.23 20.80 4.66
C ALA H 11 15.88 20.26 5.10
N GLY H 12 15.00 21.14 5.59
CA GLY H 12 13.67 20.70 5.98
C GLY H 12 12.91 20.13 4.80
N ALA H 13 13.00 20.77 3.64
CA ALA H 13 12.34 20.25 2.45
C ALA H 13 12.90 18.90 2.06
N LEU H 14 14.23 18.73 2.15
CA LEU H 14 14.83 17.45 1.83
C LEU H 14 14.34 16.35 2.78
N ILE H 15 14.26 16.66 4.07
CA ILE H 15 13.76 15.68 5.03
C ILE H 15 12.32 15.32 4.72
N GLY H 16 11.50 16.35 4.43
CA GLY H 16 10.11 16.08 4.09
C GLY H 16 10.00 15.17 2.87
N GLY H 17 10.75 15.48 1.82
CA GLY H 17 10.71 14.65 0.63
C GLY H 17 11.19 13.24 0.89
N GLY H 18 12.20 13.09 1.73
CA GLY H 18 12.63 11.75 2.11
C GLY H 18 11.53 10.98 2.80
N LEU H 19 10.78 11.64 3.68
CA LEU H 19 9.64 10.99 4.32
C LEU H 19 8.58 10.63 3.29
N ILE H 20 8.35 11.52 2.33
CA ILE H 20 7.39 11.23 1.26
C ILE H 20 7.78 9.94 0.55
N MET H 21 9.05 9.85 0.15
CA MET H 21 9.54 8.66 -0.53
C MET H 21 9.45 7.43 0.34
N GLY H 22 9.82 7.54 1.61
CA GLY H 22 9.74 6.38 2.47
C GLY H 22 8.33 5.83 2.53
N GLY H 23 7.36 6.72 2.80
CA GLY H 23 5.99 6.26 2.90
C GLY H 23 5.47 5.69 1.60
N GLY H 24 5.71 6.40 0.49
CA GLY H 24 5.23 5.92 -0.80
C GLY H 24 5.84 4.60 -1.19
N ALA H 25 7.16 4.45 -1.02
CA ALA H 25 7.82 3.21 -1.38
C ALA H 25 7.30 2.07 -0.53
N ILE H 26 7.14 2.28 0.77
CA ILE H 26 6.62 1.21 1.63
C ILE H 26 5.24 0.80 1.17
N GLY H 27 4.34 1.78 0.99
CA GLY H 27 2.98 1.45 0.61
C GLY H 27 2.92 0.72 -0.72
N ALA H 28 3.64 1.23 -1.72
CA ALA H 28 3.60 0.61 -3.04
C ALA H 28 4.16 -0.81 -2.98
N GLY H 29 5.31 -0.98 -2.34
CA GLY H 29 5.89 -2.31 -2.28
C GLY H 29 4.97 -3.31 -1.62
N ILE H 30 4.40 -2.95 -0.48
CA ILE H 30 3.58 -3.90 0.26
C ILE H 30 2.29 -4.18 -0.50
N GLY H 31 1.64 -3.14 -1.01
CA GLY H 31 0.40 -3.35 -1.74
C GLY H 31 0.60 -4.19 -2.98
N ASP H 32 1.68 -3.92 -3.72
CA ASP H 32 1.98 -4.73 -4.90
C ASP H 32 2.27 -6.17 -4.50
N GLY H 33 3.02 -6.38 -3.43
CA GLY H 33 3.27 -7.74 -2.98
C GLY H 33 1.99 -8.47 -2.63
N ILE H 34 1.08 -7.81 -1.94
CA ILE H 34 -0.16 -8.45 -1.50
C ILE H 34 -1.05 -8.76 -2.70
N ALA H 35 -1.21 -7.79 -3.60
CA ALA H 35 -2.02 -8.04 -4.79
C ALA H 35 -1.43 -9.15 -5.63
N GLY H 36 -0.10 -9.17 -5.78
CA GLY H 36 0.53 -10.25 -6.53
C GLY H 36 0.36 -11.60 -5.85
N ASN H 37 0.42 -11.62 -4.52
CA ASN H 37 0.15 -12.85 -3.80
C ASN H 37 -1.25 -13.36 -4.11
N ALA H 38 -2.22 -12.47 -4.07
CA ALA H 38 -3.58 -12.86 -4.39
C ALA H 38 -3.67 -13.38 -5.82
N LEU H 39 -3.02 -12.68 -6.75
CA LEU H 39 -3.06 -13.10 -8.15
C LEU H 39 -2.48 -14.49 -8.32
N ILE H 40 -1.32 -14.73 -7.71
CA ILE H 40 -0.65 -16.02 -7.87
C ILE H 40 -1.46 -17.13 -7.24
N SER H 41 -2.04 -16.88 -6.06
CA SER H 41 -2.88 -17.89 -5.43
C SER H 41 -4.08 -18.20 -6.29
N GLY H 42 -4.76 -17.17 -6.81
CA GLY H 42 -5.89 -17.41 -7.68
C GLY H 42 -5.51 -18.18 -8.92
N ILE H 43 -4.34 -17.87 -9.49
CA ILE H 43 -3.87 -18.59 -10.67
C ILE H 43 -3.66 -20.06 -10.34
N ALA H 44 -2.95 -20.33 -9.24
CA ALA H 44 -2.65 -21.71 -8.89
C ALA H 44 -3.92 -22.50 -8.62
N ARG H 45 -4.87 -21.91 -7.88
CA ARG H 45 -6.09 -22.63 -7.55
C ARG H 45 -6.96 -22.83 -8.78
N GLN H 46 -7.09 -21.79 -9.62
CA GLN H 46 -7.96 -21.83 -10.79
C GLN H 46 -7.18 -21.35 -12.01
N PRO H 47 -6.43 -22.23 -12.66
CA PRO H 47 -5.70 -21.82 -13.87
C PRO H 47 -6.61 -21.23 -14.94
N GLU H 48 -7.82 -21.78 -15.10
CA GLU H 48 -8.74 -21.29 -16.12
C GLU H 48 -9.01 -19.80 -15.99
N ALA H 49 -8.99 -19.26 -14.78
CA ALA H 49 -9.27 -17.86 -14.54
C ALA H 49 -8.09 -16.96 -14.84
N GLN H 50 -7.06 -17.48 -15.52
CA GLN H 50 -5.84 -16.72 -15.71
C GLN H 50 -6.12 -15.33 -16.26
N GLY H 51 -6.91 -15.27 -17.34
CA GLY H 51 -7.28 -13.96 -17.88
C GLY H 51 -8.15 -13.16 -16.94
N ARG H 52 -9.18 -13.80 -16.38
CA ARG H 52 -10.19 -13.04 -15.65
C ARG H 52 -9.58 -12.29 -14.48
N LEU H 53 -8.63 -12.92 -13.78
CA LEU H 53 -8.06 -12.30 -12.59
C LEU H 53 -7.21 -11.08 -12.93
N PHE H 54 -6.83 -10.92 -14.20
CA PHE H 54 -5.97 -9.79 -14.55
C PHE H 54 -6.70 -8.47 -14.42
N THR H 55 -7.97 -8.41 -14.83
CA THR H 55 -8.69 -7.14 -14.79
C THR H 55 -8.85 -6.60 -13.38
N PRO H 56 -9.27 -7.37 -12.38
CA PRO H 56 -9.28 -6.81 -11.02
C PRO H 56 -7.89 -6.45 -10.52
N PHE H 57 -6.90 -7.31 -10.77
CA PHE H 57 -5.56 -7.04 -10.25
C PHE H 57 -5.04 -5.70 -10.73
N PHE H 58 -5.18 -5.41 -12.02
CA PHE H 58 -4.69 -4.14 -12.54
C PHE H 58 -5.46 -2.97 -11.93
N ILE H 59 -6.72 -3.17 -11.57
CA ILE H 59 -7.43 -2.12 -10.85
C ILE H 59 -6.75 -1.86 -9.51
N THR H 60 -6.55 -2.92 -8.73
CA THR H 60 -5.94 -2.77 -7.42
C THR H 60 -4.58 -2.09 -7.52
N VAL H 61 -3.72 -2.56 -8.43
CA VAL H 61 -2.44 -1.89 -8.62
C VAL H 61 -2.66 -0.42 -8.91
N GLY H 62 -3.56 -0.12 -9.85
CA GLY H 62 -3.79 1.27 -10.22
C GLY H 62 -4.10 2.12 -9.00
N LEU H 63 -4.72 1.51 -8.00
CA LEU H 63 -4.95 2.23 -6.75
C LEU H 63 -3.66 2.38 -5.95
N VAL H 64 -3.05 1.25 -5.58
CA VAL H 64 -1.93 1.32 -4.63
C VAL H 64 -0.81 2.16 -5.21
N GLU H 65 -0.36 1.83 -6.41
CA GLU H 65 0.67 2.63 -7.05
C GLU H 65 0.28 4.09 -7.07
N ALA H 66 -0.98 4.38 -7.42
CA ALA H 66 -1.43 5.77 -7.46
C ALA H 66 -1.07 6.48 -6.17
N ALA H 67 -1.44 5.89 -5.02
CA ALA H 67 -1.08 6.48 -3.75
C ALA H 67 0.38 6.88 -3.76
N TYR H 68 1.27 5.90 -3.92
CA TYR H 68 2.69 6.20 -3.94
C TYR H 68 2.99 7.31 -4.94
N PHE H 69 2.53 7.15 -6.18
CA PHE H 69 2.87 8.13 -7.19
C PHE H 69 2.32 9.50 -6.83
N ILE H 70 1.12 9.57 -6.25
CA ILE H 70 0.60 10.87 -5.84
C ILE H 70 1.60 11.54 -4.92
N ASN H 71 2.05 10.79 -3.90
CA ASN H 71 3.01 11.35 -2.96
C ASN H 71 4.27 11.78 -3.68
N LEU H 72 4.70 11.01 -4.68
CA LEU H 72 5.87 11.40 -5.45
C LEU H 72 5.73 12.82 -5.96
N ALA H 73 4.60 13.14 -6.59
CA ALA H 73 4.43 14.50 -7.10
C ALA H 73 4.67 15.51 -5.99
N PHE H 74 4.11 15.26 -4.81
CA PHE H 74 4.23 16.22 -3.72
C PHE H 74 5.69 16.41 -3.34
N MET H 75 6.46 15.32 -3.32
CA MET H 75 7.88 15.46 -3.08
C MET H 75 8.51 16.35 -4.14
N ALA H 76 8.18 16.12 -5.41
CA ALA H 76 8.69 16.99 -6.46
C ALA H 76 8.29 18.43 -6.19
N LEU H 77 7.09 18.65 -5.63
CA LEU H 77 6.70 20.00 -5.27
C LEU H 77 7.58 20.53 -4.16
N PHE H 78 7.80 19.75 -3.12
CA PHE H 78 8.58 20.22 -1.98
C PHE H 78 10.02 20.53 -2.38
N VAL H 79 10.69 19.55 -3.00
CA VAL H 79 12.11 19.69 -3.22
C VAL H 79 12.40 20.77 -4.26
N PHE H 80 11.62 20.80 -5.34
CA PHE H 80 11.97 21.68 -6.46
C PHE H 80 11.33 23.06 -6.34
N ALA H 81 10.04 23.13 -6.01
CA ALA H 81 9.36 24.41 -5.78
C ALA H 81 8.82 24.38 -4.35
N THR H 82 9.69 24.69 -3.40
CA THR H 82 9.35 24.50 -1.99
C THR H 82 8.46 25.65 -1.51
N PRO H 83 7.26 25.35 -1.01
CA PRO H 83 6.41 26.44 -0.50
C PRO H 83 7.05 27.19 0.65
N GLY H 84 6.82 28.50 0.70
CA GLY H 84 7.29 29.32 1.79
C GLY H 84 8.78 29.62 1.77
N LEU H 85 9.42 29.54 0.61
CA LEU H 85 10.85 29.77 0.54
C LEU H 85 11.18 31.22 0.83
N GLN H 86 12.44 31.44 1.25
CA GLN H 86 12.95 32.78 1.49
C GLN H 86 13.96 33.15 0.40
N ASP I 2 20.28 33.72 15.26
CA ASP I 2 19.87 35.00 14.69
C ASP I 2 19.00 34.78 13.44
N LEU I 3 19.12 33.60 12.85
CA LEU I 3 18.37 33.27 11.64
C LEU I 3 16.88 33.53 11.82
N ASP I 4 16.18 33.71 10.72
CA ASP I 4 14.78 34.12 10.78
C ASP I 4 13.94 33.02 11.46
N PRO I 5 13.11 33.36 12.44
CA PRO I 5 12.25 32.33 13.04
C PRO I 5 11.31 31.70 12.04
N ASN I 6 10.84 32.47 11.06
CA ASN I 6 9.90 31.93 10.08
C ASN I 6 10.54 30.84 9.24
N ALA I 7 11.84 30.94 8.97
CA ALA I 7 12.51 29.85 8.25
C ALA I 7 12.47 28.56 9.05
N ILE I 8 12.73 28.64 10.35
CA ILE I 8 12.64 27.45 11.20
C ILE I 8 11.22 26.92 11.22
N ILE I 9 10.23 27.81 11.32
CA ILE I 9 8.84 27.36 11.34
C ILE I 9 8.51 26.65 10.03
N THR I 10 8.96 27.20 8.91
CA THR I 10 8.68 26.58 7.62
C THR I 10 9.36 25.22 7.51
N ALA I 11 10.59 25.10 8.01
CA ALA I 11 11.26 23.79 7.98
C ALA I 11 10.50 22.78 8.81
N GLY I 12 10.05 23.19 9.99
CA GLY I 12 9.25 22.30 10.81
C GLY I 12 7.96 21.88 10.14
N ALA I 13 7.29 22.84 9.50
CA ALA I 13 6.06 22.52 8.77
C ALA I 13 6.34 21.55 7.63
N LEU I 14 7.45 21.74 6.93
CA LEU I 14 7.79 20.86 5.82
C LEU I 14 8.04 19.45 6.31
N ILE I 15 8.80 19.29 7.39
CA ILE I 15 9.03 17.95 7.92
C ILE I 15 7.72 17.34 8.40
N GLY I 16 6.87 18.14 9.03
CA GLY I 16 5.59 17.64 9.47
C GLY I 16 4.76 17.12 8.32
N GLY I 17 4.63 17.90 7.25
CA GLY I 17 3.89 17.45 6.09
C GLY I 17 4.51 16.24 5.42
N GLY I 18 5.83 16.16 5.43
CA GLY I 18 6.48 14.95 4.94
C GLY I 18 6.02 13.73 5.70
N LEU I 19 5.95 13.83 7.03
CA LEU I 19 5.40 12.73 7.81
C LEU I 19 3.92 12.50 7.47
N ILE I 20 3.17 13.59 7.30
CA ILE I 20 1.75 13.48 6.98
C ILE I 20 1.55 12.55 5.80
N MET I 21 2.14 12.91 4.67
CA MET I 21 2.02 12.11 3.45
C MET I 21 2.75 10.78 3.52
N GLY I 22 3.83 10.65 4.30
CA GLY I 22 4.43 9.33 4.45
C GLY I 22 3.48 8.34 5.08
N GLY I 23 2.87 8.74 6.20
CA GLY I 23 1.89 7.88 6.84
C GLY I 23 0.68 7.65 5.97
N GLY I 24 0.21 8.70 5.30
CA GLY I 24 -0.93 8.54 4.42
C GLY I 24 -0.65 7.56 3.30
N ALA I 25 0.51 7.66 2.67
CA ALA I 25 0.87 6.74 1.60
C ALA I 25 0.95 5.32 2.12
N ILE I 26 1.59 5.12 3.26
CA ILE I 26 1.68 3.76 3.80
C ILE I 26 0.27 3.20 4.01
N GLY I 27 -0.59 3.97 4.69
CA GLY I 27 -1.91 3.46 4.99
C GLY I 27 -2.70 3.16 3.73
N ALA I 28 -2.72 4.09 2.79
CA ALA I 28 -3.50 3.90 1.58
C ALA I 28 -3.01 2.70 0.79
N GLY I 29 -1.69 2.62 0.57
CA GLY I 29 -1.16 1.51 -0.18
C GLY I 29 -1.50 0.17 0.45
N ILE I 30 -1.27 0.05 1.76
CA ILE I 30 -1.50 -1.23 2.41
C ILE I 30 -2.98 -1.59 2.39
N GLY I 31 -3.84 -0.66 2.78
CA GLY I 31 -5.26 -0.97 2.84
C GLY I 31 -5.82 -1.33 1.48
N ASP I 32 -5.45 -0.55 0.45
CA ASP I 32 -5.92 -0.86 -0.89
C ASP I 32 -5.39 -2.20 -1.36
N GLY I 33 -4.14 -2.52 -1.06
CA GLY I 33 -3.61 -3.81 -1.44
C GLY I 33 -4.34 -4.96 -0.77
N ILE I 34 -4.66 -4.81 0.51
CA ILE I 34 -5.38 -5.86 1.23
C ILE I 34 -6.76 -6.05 0.64
N ALA I 35 -7.47 -4.95 0.38
CA ALA I 35 -8.79 -5.05 -0.24
C ALA I 35 -8.68 -5.71 -1.61
N GLY I 36 -7.65 -5.34 -2.38
CA GLY I 36 -7.47 -5.96 -3.68
C GLY I 36 -7.17 -7.45 -3.59
N ASN I 37 -6.42 -7.85 -2.57
CA ASN I 37 -6.19 -9.27 -2.36
C ASN I 37 -7.49 -9.99 -2.10
N ALA I 38 -8.36 -9.41 -1.28
CA ALA I 38 -9.66 -10.01 -1.05
C ALA I 38 -10.47 -10.10 -2.33
N LEU I 39 -10.46 -9.02 -3.12
CA LEU I 39 -11.19 -9.04 -4.38
C LEU I 39 -10.67 -10.12 -5.31
N ILE I 40 -9.35 -10.24 -5.41
CA ILE I 40 -8.75 -11.24 -6.29
C ILE I 40 -9.15 -12.64 -5.82
N SER I 41 -9.04 -12.90 -4.53
CA SER I 41 -9.39 -14.21 -4.01
C SER I 41 -10.86 -14.53 -4.29
N GLY I 42 -11.74 -13.56 -4.02
CA GLY I 42 -13.15 -13.81 -4.24
C GLY I 42 -13.47 -14.07 -5.71
N ILE I 43 -12.93 -13.24 -6.59
CA ILE I 43 -13.20 -13.41 -8.01
C ILE I 43 -12.66 -14.76 -8.50
N ALA I 44 -11.51 -15.17 -7.98
CA ALA I 44 -11.03 -16.51 -8.31
C ALA I 44 -11.99 -17.58 -7.80
N ARG I 45 -12.49 -17.41 -6.58
CA ARG I 45 -13.40 -18.39 -6.01
C ARG I 45 -14.71 -18.42 -6.78
N GLN I 46 -15.45 -17.31 -6.76
CA GLN I 46 -16.66 -17.19 -7.55
C GLN I 46 -16.32 -16.50 -8.87
N PRO I 47 -16.36 -17.18 -10.00
CA PRO I 47 -15.76 -16.59 -11.21
C PRO I 47 -16.47 -15.34 -11.69
N GLU I 48 -17.78 -15.39 -11.80
CA GLU I 48 -18.55 -14.32 -12.43
C GLU I 48 -19.07 -13.29 -11.44
N ALA I 49 -18.74 -13.42 -10.16
CA ALA I 49 -19.26 -12.53 -9.14
C ALA I 49 -18.51 -11.21 -9.07
N GLN I 50 -17.59 -10.95 -10.00
CA GLN I 50 -16.80 -9.72 -9.94
C GLN I 50 -17.69 -8.49 -10.01
N GLY I 51 -18.71 -8.53 -10.88
CA GLY I 51 -19.57 -7.35 -11.04
C GLY I 51 -20.20 -6.92 -9.74
N ARG I 52 -20.72 -7.88 -8.97
CA ARG I 52 -21.36 -7.52 -7.70
C ARG I 52 -20.31 -7.24 -6.62
N LEU I 53 -19.18 -7.93 -6.68
CA LEU I 53 -18.14 -7.73 -5.66
C LEU I 53 -17.49 -6.37 -5.80
N PHE I 54 -17.59 -5.74 -6.97
CA PHE I 54 -16.89 -4.47 -7.16
C PHE I 54 -17.39 -3.40 -6.21
N THR I 55 -18.70 -3.31 -6.00
CA THR I 55 -19.22 -2.24 -5.15
C THR I 55 -18.78 -2.38 -3.70
N PRO I 56 -18.89 -3.55 -3.05
CA PRO I 56 -18.31 -3.66 -1.70
C PRO I 56 -16.81 -3.40 -1.67
N PHE I 57 -16.09 -3.88 -2.69
CA PHE I 57 -14.68 -3.51 -2.82
C PHE I 57 -14.49 -2.00 -2.77
N PHE I 58 -15.26 -1.27 -3.57
CA PHE I 58 -14.97 0.14 -3.70
C PHE I 58 -15.50 0.92 -2.51
N ILE I 59 -16.43 0.35 -1.74
CA ILE I 59 -16.78 0.95 -0.46
C ILE I 59 -15.54 1.06 0.41
N THR I 60 -14.81 -0.05 0.56
CA THR I 60 -13.60 -0.03 1.37
C THR I 60 -12.52 0.83 0.72
N VAL I 61 -12.43 0.80 -0.61
CA VAL I 61 -11.40 1.59 -1.28
C VAL I 61 -11.61 3.08 -0.98
N GLY I 62 -12.85 3.54 -1.11
CA GLY I 62 -13.18 4.92 -0.79
C GLY I 62 -12.95 5.22 0.67
N LEU I 63 -13.33 4.29 1.55
CA LEU I 63 -13.12 4.51 2.98
C LEU I 63 -11.64 4.70 3.28
N VAL I 64 -10.79 3.87 2.68
CA VAL I 64 -9.35 3.94 2.89
C VAL I 64 -8.82 5.26 2.35
N GLU I 65 -9.24 5.62 1.13
CA GLU I 65 -8.71 6.83 0.49
C GLU I 65 -9.17 8.07 1.23
N ALA I 66 -10.27 7.97 1.99
CA ALA I 66 -10.78 9.12 2.73
C ALA I 66 -9.75 9.65 3.72
N ALA I 67 -9.13 8.74 4.49
CA ALA I 67 -8.11 9.17 5.43
C ALA I 67 -6.92 9.76 4.71
N TYR I 68 -6.50 9.14 3.61
CA TYR I 68 -5.38 9.64 2.84
C TYR I 68 -5.62 11.08 2.41
N PHE I 69 -6.82 11.36 1.92
CA PHE I 69 -7.07 12.68 1.36
C PHE I 69 -7.41 13.70 2.45
N ILE I 70 -7.90 13.25 3.61
CA ILE I 70 -7.97 14.14 4.76
C ILE I 70 -6.57 14.58 5.15
N ASN I 71 -5.64 13.62 5.17
CA ASN I 71 -4.25 13.95 5.45
C ASN I 71 -3.68 14.86 4.38
N LEU I 72 -4.11 14.67 3.13
CA LEU I 72 -3.75 15.61 2.07
C LEU I 72 -4.21 17.03 2.41
N ALA I 73 -5.48 17.17 2.78
CA ALA I 73 -6.00 18.49 3.11
C ALA I 73 -5.17 19.11 4.21
N PHE I 74 -4.82 18.31 5.22
CA PHE I 74 -4.10 18.87 6.35
C PHE I 74 -2.64 19.15 6.02
N MET I 75 -2.06 18.37 5.10
CA MET I 75 -0.71 18.67 4.64
C MET I 75 -0.68 20.00 3.89
N ALA I 76 -1.67 20.22 3.04
CA ALA I 76 -1.77 21.51 2.35
C ALA I 76 -1.95 22.63 3.36
N LEU I 77 -2.81 22.42 4.35
CA LEU I 77 -2.97 23.40 5.42
C LEU I 77 -1.62 23.72 6.06
N PHE I 78 -0.86 22.69 6.40
CA PHE I 78 0.42 22.88 7.08
C PHE I 78 1.43 23.62 6.21
N VAL I 79 1.50 23.31 4.92
CA VAL I 79 2.55 23.81 4.06
C VAL I 79 2.16 25.12 3.39
N PHE I 80 0.99 25.16 2.75
CA PHE I 80 0.60 26.36 2.04
C PHE I 80 0.45 27.55 2.97
N ALA I 81 -0.20 27.33 4.12
CA ALA I 81 -0.36 28.38 5.14
C ALA I 81 -0.07 27.74 6.49
N THR I 82 1.19 27.77 6.89
CA THR I 82 1.60 27.15 8.14
C THR I 82 0.83 27.79 9.29
N PRO I 83 0.21 27.02 10.18
CA PRO I 83 -0.55 27.63 11.27
C PRO I 83 0.33 28.56 12.10
N GLY I 84 -0.19 29.75 12.38
CA GLY I 84 0.53 30.70 13.21
C GLY I 84 1.91 31.04 12.69
N LEU I 85 2.04 31.27 11.39
CA LEU I 85 3.32 31.67 10.81
C LEU I 85 3.50 33.17 10.96
N GLN I 86 4.48 33.57 11.76
CA GLN I 86 4.73 34.98 12.01
C GLN I 86 5.36 35.64 10.78
N ASP J 2 18.93 36.62 18.62
CA ASP J 2 18.72 35.24 19.05
C ASP J 2 17.36 34.74 18.58
N LEU J 3 17.24 33.41 18.52
CA LEU J 3 16.02 32.79 17.99
C LEU J 3 14.83 33.10 18.87
N ASP J 4 13.67 33.24 18.24
CA ASP J 4 12.43 33.40 18.98
C ASP J 4 11.98 32.03 19.49
N PRO J 5 11.83 31.83 20.80
CA PRO J 5 11.41 30.50 21.28
C PRO J 5 10.06 30.06 20.71
N ASN J 6 9.14 31.00 20.52
CA ASN J 6 7.82 30.65 20.00
C ASN J 6 7.92 29.98 18.64
N ALA J 7 8.88 30.39 17.81
CA ALA J 7 9.09 29.70 16.54
C ALA J 7 9.51 28.26 16.76
N ILE J 8 10.39 28.01 17.71
CA ILE J 8 10.78 26.64 18.02
C ILE J 8 9.57 25.84 18.46
N ILE J 9 8.71 26.44 19.30
CA ILE J 9 7.52 25.74 19.76
C ILE J 9 6.61 25.41 18.60
N THR J 10 6.39 26.37 17.69
CA THR J 10 5.53 26.12 16.55
C THR J 10 6.09 25.00 15.69
N ALA J 11 7.40 25.00 15.44
CA ALA J 11 8.00 23.95 14.64
C ALA J 11 7.86 22.59 15.31
N GLY J 12 8.13 22.52 16.62
CA GLY J 12 7.99 21.26 17.32
C GLY J 12 6.57 20.75 17.30
N ALA J 13 5.61 21.64 17.51
CA ALA J 13 4.20 21.23 17.47
C ALA J 13 3.81 20.75 16.08
N LEU J 14 4.31 21.43 15.05
CA LEU J 14 3.99 21.00 13.69
C LEU J 14 4.56 19.61 13.41
N ILE J 15 5.80 19.35 13.84
CA ILE J 15 6.36 18.02 13.66
C ILE J 15 5.56 16.99 14.45
N GLY J 16 5.15 17.36 15.66
CA GLY J 16 4.33 16.45 16.45
C GLY J 16 3.04 16.10 15.74
N GLY J 17 2.34 17.11 15.22
CA GLY J 17 1.13 16.85 14.47
C GLY J 17 1.39 16.02 13.22
N GLY J 18 2.55 16.22 12.60
CA GLY J 18 2.93 15.36 11.49
C GLY J 18 2.96 13.90 11.90
N LEU J 19 3.60 13.62 13.03
CA LEU J 19 3.60 12.25 13.56
C LEU J 19 2.18 11.78 13.87
N ILE J 20 1.38 12.65 14.48
CA ILE J 20 0.00 12.30 14.82
C ILE J 20 -0.72 11.78 13.59
N MET J 21 -0.79 12.61 12.55
CA MET J 21 -1.51 12.26 11.34
C MET J 21 -0.85 11.12 10.58
N GLY J 22 0.49 10.99 10.63
CA GLY J 22 1.09 9.83 10.02
C GLY J 22 0.57 8.55 10.64
N GLY J 23 0.59 8.48 11.96
CA GLY J 23 0.10 7.30 12.65
C GLY J 23 -1.39 7.08 12.41
N GLY J 24 -2.17 8.16 12.47
CA GLY J 24 -3.59 8.02 12.26
C GLY J 24 -3.92 7.52 10.87
N ALA J 25 -3.26 8.07 9.85
CA ALA J 25 -3.49 7.62 8.49
C ALA J 25 -3.11 6.16 8.34
N ILE J 26 -1.94 5.77 8.85
CA ILE J 26 -1.52 4.38 8.75
C ILE J 26 -2.58 3.48 9.38
N GLY J 27 -2.99 3.80 10.61
CA GLY J 27 -3.92 2.94 11.31
C GLY J 27 -5.26 2.86 10.61
N ALA J 28 -5.81 4.01 10.21
CA ALA J 28 -7.12 4.01 9.56
C ALA J 28 -7.08 3.26 8.24
N GLY J 29 -6.06 3.51 7.43
CA GLY J 29 -5.95 2.81 6.16
C GLY J 29 -5.87 1.31 6.36
N ILE J 30 -5.01 0.87 7.28
CA ILE J 30 -4.82 -0.56 7.49
C ILE J 30 -6.10 -1.20 8.01
N GLY J 31 -6.71 -0.57 9.02
CA GLY J 31 -7.92 -1.14 9.60
C GLY J 31 -9.04 -1.22 8.59
N ASP J 32 -9.23 -0.16 7.80
CA ASP J 32 -10.25 -0.17 6.78
C ASP J 32 -9.97 -1.26 5.74
N GLY J 33 -8.72 -1.38 5.31
CA GLY J 33 -8.39 -2.40 4.33
C GLY J 33 -8.64 -3.80 4.84
N ILE J 34 -8.27 -4.06 6.10
CA ILE J 34 -8.41 -5.39 6.65
C ILE J 34 -9.89 -5.73 6.84
N ALA J 35 -10.65 -4.80 7.43
CA ALA J 35 -12.08 -5.03 7.60
C ALA J 35 -12.75 -5.24 6.25
N GLY J 36 -12.39 -4.45 5.26
CA GLY J 36 -12.85 -4.68 3.91
C GLY J 36 -12.54 -6.09 3.49
N ASN J 37 -11.25 -6.42 3.38
CA ASN J 37 -10.85 -7.75 2.94
C ASN J 37 -11.77 -8.81 3.54
N ALA J 38 -12.03 -8.71 4.84
CA ALA J 38 -12.92 -9.66 5.48
C ALA J 38 -14.32 -9.59 4.88
N LEU J 39 -14.84 -8.37 4.70
CA LEU J 39 -16.20 -8.21 4.18
C LEU J 39 -16.32 -8.78 2.78
N ILE J 40 -15.35 -8.45 1.92
CA ILE J 40 -15.34 -8.96 0.56
C ILE J 40 -15.30 -10.48 0.55
N SER J 41 -14.43 -11.08 1.35
CA SER J 41 -14.36 -12.53 1.39
C SER J 41 -15.70 -13.12 1.85
N GLY J 42 -16.27 -12.56 2.91
CA GLY J 42 -17.52 -13.09 3.42
C GLY J 42 -18.64 -13.04 2.41
N ILE J 43 -18.78 -11.90 1.73
CA ILE J 43 -19.82 -11.79 0.71
C ILE J 43 -19.53 -12.70 -0.47
N ALA J 44 -18.25 -12.88 -0.80
CA ALA J 44 -17.90 -13.80 -1.88
C ALA J 44 -18.35 -15.22 -1.53
N ARG J 45 -18.22 -15.62 -0.27
CA ARG J 45 -18.67 -16.94 0.12
C ARG J 45 -20.17 -17.10 -0.09
N GLN J 46 -20.95 -16.11 0.33
CA GLN J 46 -22.41 -16.18 0.19
C GLN J 46 -22.97 -14.79 -0.09
N PRO J 47 -23.44 -14.53 -1.33
CA PRO J 47 -23.88 -13.17 -1.67
C PRO J 47 -24.88 -12.60 -0.67
N GLU J 48 -26.00 -13.30 -0.47
CA GLU J 48 -27.03 -12.79 0.43
C GLU J 48 -26.47 -12.49 1.82
N ALA J 49 -25.43 -13.23 2.23
CA ALA J 49 -24.89 -13.02 3.56
C ALA J 49 -24.50 -11.57 3.79
N GLN J 50 -24.14 -10.86 2.72
CA GLN J 50 -23.72 -9.46 2.87
C GLN J 50 -24.72 -8.68 3.68
N GLY J 51 -26.01 -8.94 3.47
CA GLY J 51 -27.06 -8.21 4.15
C GLY J 51 -26.79 -8.02 5.63
N ARG J 52 -26.12 -9.00 6.25
CA ARG J 52 -25.80 -8.91 7.66
C ARG J 52 -24.34 -8.59 7.95
N LEU J 53 -23.42 -9.01 7.08
CA LEU J 53 -22.00 -8.77 7.35
C LEU J 53 -21.68 -7.29 7.41
N PHE J 54 -22.51 -6.45 6.79
CA PHE J 54 -22.29 -5.01 6.89
C PHE J 54 -22.30 -4.54 8.34
N THR J 55 -23.14 -5.16 9.17
CA THR J 55 -23.29 -4.69 10.55
C THR J 55 -21.97 -4.69 11.31
N PRO J 56 -21.31 -5.83 11.53
CA PRO J 56 -20.02 -5.78 12.22
C PRO J 56 -18.99 -4.90 11.50
N PHE J 57 -18.94 -4.96 10.17
CA PHE J 57 -17.98 -4.15 9.44
C PHE J 57 -18.14 -2.68 9.78
N PHE J 58 -19.36 -2.16 9.64
CA PHE J 58 -19.60 -0.75 9.92
C PHE J 58 -19.37 -0.42 11.38
N ILE J 59 -19.31 -1.43 12.25
CA ILE J 59 -18.83 -1.19 13.61
C ILE J 59 -17.32 -0.98 13.59
N THR J 60 -16.58 -1.98 13.11
CA THR J 60 -15.13 -1.90 13.17
C THR J 60 -14.61 -0.67 12.43
N VAL J 61 -15.14 -0.43 11.22
CA VAL J 61 -14.82 0.81 10.53
C VAL J 61 -15.04 1.99 11.46
N GLY J 62 -16.27 2.15 11.94
CA GLY J 62 -16.55 3.23 12.86
C GLY J 62 -15.63 3.20 14.07
N LEU J 63 -15.25 2.00 14.50
CA LEU J 63 -14.38 1.89 15.67
C LEU J 63 -12.94 2.27 15.34
N VAL J 64 -12.50 2.02 14.11
CA VAL J 64 -11.14 2.43 13.73
C VAL J 64 -11.11 3.87 13.28
N GLU J 65 -12.07 4.29 12.45
CA GLU J 65 -12.14 5.69 12.05
C GLU J 65 -12.21 6.59 13.28
N ALA J 66 -12.92 6.15 14.32
CA ALA J 66 -12.94 6.91 15.57
C ALA J 66 -11.52 7.13 16.07
N ALA J 67 -10.73 6.06 16.17
CA ALA J 67 -9.37 6.19 16.65
C ALA J 67 -8.57 7.15 15.80
N TYR J 68 -9.01 7.39 14.56
CA TYR J 68 -8.41 8.45 13.76
C TYR J 68 -9.00 9.80 14.11
N PHE J 69 -10.33 9.93 14.04
CA PHE J 69 -10.95 11.23 14.23
C PHE J 69 -10.54 11.86 15.55
N ILE J 70 -10.67 11.12 16.65
CA ILE J 70 -10.25 11.66 17.94
C ILE J 70 -8.78 12.03 17.89
N ASN J 71 -7.96 11.12 17.35
CA ASN J 71 -6.55 11.44 17.16
C ASN J 71 -6.39 12.74 16.39
N LEU J 72 -7.17 12.91 15.32
CA LEU J 72 -7.11 14.13 14.55
C LEU J 72 -7.29 15.35 15.45
N ALA J 73 -8.32 15.32 16.29
CA ALA J 73 -8.57 16.48 17.14
C ALA J 73 -7.30 16.87 17.88
N PHE J 74 -6.57 15.88 18.38
CA PHE J 74 -5.40 16.20 19.20
C PHE J 74 -4.36 16.97 18.41
N MET J 75 -4.10 16.58 17.16
CA MET J 75 -3.10 17.34 16.42
C MET J 75 -3.57 18.76 16.14
N ALA J 76 -4.89 18.98 16.06
CA ALA J 76 -5.38 20.34 15.98
C ALA J 76 -4.96 21.12 17.21
N LEU J 77 -5.05 20.49 18.38
CA LEU J 77 -4.57 21.12 19.61
C LEU J 77 -3.08 21.43 19.54
N PHE J 78 -2.33 20.73 18.69
CA PHE J 78 -0.92 21.05 18.53
C PHE J 78 -0.72 22.33 17.73
N VAL J 79 -1.65 22.64 16.82
CA VAL J 79 -1.51 23.77 15.91
C VAL J 79 -2.48 24.89 16.26
N PHE J 80 -3.77 24.58 16.42
CA PHE J 80 -4.74 25.63 16.71
C PHE J 80 -4.44 26.30 18.04
N ALA J 81 -4.26 25.51 19.10
CA ALA J 81 -3.97 26.04 20.43
C ALA J 81 -2.82 25.22 21.01
N THR J 82 -1.60 25.64 20.71
CA THR J 82 -0.43 24.88 21.14
C THR J 82 -0.28 24.96 22.65
N PRO J 83 -0.29 23.84 23.36
CA PRO J 83 -0.04 23.90 24.80
C PRO J 83 1.39 24.33 25.10
N GLY J 84 1.56 24.97 26.25
CA GLY J 84 2.88 25.42 26.65
C GLY J 84 3.51 26.40 25.68
N LEU J 85 2.69 27.13 24.93
CA LEU J 85 3.17 28.14 23.99
C LEU J 85 3.05 29.51 24.66
N GLN J 86 4.17 30.22 24.75
CA GLN J 86 4.18 31.55 25.34
C GLN J 86 3.97 32.61 24.25
N LEU K 3 18.85 31.46 24.95
CA LEU K 3 17.76 30.60 24.52
C LEU K 3 16.91 30.18 25.71
N ASP K 4 15.60 30.32 25.57
CA ASP K 4 14.69 29.97 26.65
C ASP K 4 14.73 28.46 26.87
N PRO K 5 15.03 27.98 28.08
CA PRO K 5 14.98 26.52 28.29
C PRO K 5 13.60 25.93 28.08
N ASN K 6 12.57 26.59 28.63
CA ASN K 6 11.21 26.10 28.43
C ASN K 6 10.88 25.94 26.96
N ALA K 7 11.50 26.76 26.10
CA ALA K 7 11.26 26.62 24.67
C ALA K 7 11.63 25.22 24.19
N ILE K 8 12.85 24.79 24.49
CA ILE K 8 13.29 23.47 24.06
C ILE K 8 12.50 22.39 24.80
N ILE K 9 12.20 22.61 26.07
CA ILE K 9 11.44 21.61 26.83
C ILE K 9 10.11 21.35 26.15
N THR K 10 9.37 22.43 25.83
CA THR K 10 8.05 22.26 25.24
C THR K 10 8.13 21.74 23.81
N ALA K 11 9.16 22.13 23.05
CA ALA K 11 9.32 21.57 21.71
C ALA K 11 9.52 20.06 21.75
N GLY K 12 10.46 19.62 22.60
CA GLY K 12 10.69 18.20 22.74
C GLY K 12 9.47 17.48 23.27
N ALA K 13 8.74 18.12 24.19
CA ALA K 13 7.52 17.51 24.70
C ALA K 13 6.48 17.35 23.62
N LEU K 14 6.35 18.35 22.75
CA LEU K 14 5.39 18.26 21.65
C LEU K 14 5.77 17.12 20.71
N ILE K 15 7.07 17.00 20.39
CA ILE K 15 7.49 15.90 19.52
C ILE K 15 7.21 14.56 20.20
N GLY K 16 7.50 14.46 21.50
CA GLY K 16 7.27 13.22 22.20
C GLY K 16 5.81 12.84 22.25
N GLY K 17 4.93 13.82 22.51
CA GLY K 17 3.51 13.54 22.48
C GLY K 17 3.02 13.16 21.11
N GLY K 18 3.59 13.78 20.07
CA GLY K 18 3.27 13.37 18.72
C GLY K 18 3.60 11.90 18.49
N LEU K 19 4.79 11.48 18.92
CA LEU K 19 5.14 10.07 18.80
C LEU K 19 4.20 9.19 19.61
N ILE K 20 3.89 9.62 20.84
CA ILE K 20 2.96 8.89 21.70
C ILE K 20 1.68 8.59 20.94
N MET K 21 1.01 9.66 20.51
CA MET K 21 -0.30 9.52 19.88
C MET K 21 -0.20 8.79 18.54
N GLY K 22 0.89 8.99 17.80
CA GLY K 22 1.04 8.28 16.55
C GLY K 22 1.13 6.78 16.76
N GLY K 23 1.97 6.35 17.69
CA GLY K 23 2.07 4.94 18.00
C GLY K 23 0.77 4.38 18.52
N GLY K 24 0.10 5.13 19.41
CA GLY K 24 -1.17 4.66 19.93
C GLY K 24 -2.22 4.50 18.85
N ALA K 25 -2.31 5.48 17.95
CA ALA K 25 -3.27 5.39 16.86
C ALA K 25 -2.95 4.22 15.95
N ILE K 26 -1.67 4.02 15.63
CA ILE K 26 -1.29 2.89 14.79
C ILE K 26 -1.72 1.58 15.46
N GLY K 27 -1.36 1.41 16.73
CA GLY K 27 -1.69 0.17 17.40
C GLY K 27 -3.18 -0.07 17.47
N ALA K 28 -3.94 0.96 17.89
CA ALA K 28 -5.39 0.80 17.99
C ALA K 28 -6.01 0.50 16.64
N GLY K 29 -5.60 1.23 15.60
CA GLY K 29 -6.19 1.01 14.29
C GLY K 29 -5.93 -0.39 13.79
N ILE K 30 -4.67 -0.85 13.89
CA ILE K 30 -4.36 -2.18 13.37
C ILE K 30 -5.09 -3.24 14.18
N GLY K 31 -5.10 -3.11 15.51
CA GLY K 31 -5.79 -4.10 16.32
C GLY K 31 -7.28 -4.15 16.02
N ASP K 32 -7.90 -2.99 15.89
CA ASP K 32 -9.32 -2.95 15.55
C ASP K 32 -9.57 -3.57 14.19
N GLY K 33 -8.69 -3.29 13.22
CA GLY K 33 -8.87 -3.86 11.90
C GLY K 33 -8.75 -5.38 11.91
N ILE K 34 -7.75 -5.91 12.60
CA ILE K 34 -7.55 -7.35 12.65
C ILE K 34 -8.73 -8.02 13.37
N ALA K 35 -9.14 -7.46 14.51
CA ALA K 35 -10.27 -8.01 15.23
C ALA K 35 -11.54 -7.93 14.41
N GLY K 36 -11.72 -6.84 13.66
CA GLY K 36 -12.89 -6.73 12.81
C GLY K 36 -12.89 -7.73 11.69
N ASN K 37 -11.71 -8.01 11.12
CA ASN K 37 -11.63 -9.06 10.11
C ASN K 37 -12.04 -10.40 10.69
N ALA K 38 -11.54 -10.70 11.89
CA ALA K 38 -11.93 -11.95 12.54
C ALA K 38 -13.42 -12.00 12.79
N LEU K 39 -13.98 -10.90 13.29
CA LEU K 39 -15.41 -10.84 13.58
C LEU K 39 -16.23 -11.01 12.31
N ILE K 40 -15.80 -10.38 11.22
CA ILE K 40 -16.50 -10.51 9.96
C ILE K 40 -16.50 -11.96 9.51
N SER K 41 -15.33 -12.60 9.53
CA SER K 41 -15.25 -13.98 9.08
C SER K 41 -16.10 -14.89 9.95
N GLY K 42 -16.06 -14.70 11.27
CA GLY K 42 -16.86 -15.52 12.16
C GLY K 42 -18.34 -15.35 11.94
N ILE K 43 -18.78 -14.09 11.81
CA ILE K 43 -20.21 -13.82 11.61
C ILE K 43 -20.68 -14.43 10.30
N ALA K 44 -19.88 -14.29 9.23
CA ALA K 44 -20.24 -14.92 7.98
C ALA K 44 -20.32 -16.43 8.14
N ARG K 45 -19.36 -17.01 8.85
CA ARG K 45 -19.33 -18.46 9.02
C ARG K 45 -20.48 -18.96 9.87
N GLN K 46 -20.76 -18.29 10.99
CA GLN K 46 -21.77 -18.72 11.95
C GLN K 46 -22.60 -17.52 12.40
N PRO K 47 -23.75 -17.26 11.78
CA PRO K 47 -24.54 -16.10 12.20
C PRO K 47 -24.96 -16.16 13.65
N GLU K 48 -25.54 -17.28 14.09
CA GLU K 48 -26.01 -17.39 15.46
C GLU K 48 -24.88 -17.30 16.48
N ALA K 49 -23.64 -17.48 16.04
CA ALA K 49 -22.51 -17.30 16.93
C ALA K 49 -22.27 -15.85 17.30
N GLN K 50 -22.97 -14.91 16.67
CA GLN K 50 -22.75 -13.50 16.95
C GLN K 50 -22.82 -13.22 18.45
N GLY K 51 -23.82 -13.79 19.13
CA GLY K 51 -23.93 -13.58 20.57
C GLY K 51 -22.69 -13.99 21.31
N ARG K 52 -22.13 -15.15 20.96
CA ARG K 52 -20.90 -15.64 21.57
C ARG K 52 -19.66 -15.12 20.85
N LEU K 53 -19.83 -14.35 19.78
CA LEU K 53 -18.69 -13.77 19.07
C LEU K 53 -18.43 -12.32 19.45
N PHE K 54 -19.46 -11.54 19.72
CA PHE K 54 -19.25 -10.15 20.12
C PHE K 54 -18.52 -10.07 21.46
N THR K 55 -18.87 -10.94 22.40
CA THR K 55 -18.23 -10.88 23.71
C THR K 55 -16.74 -11.12 23.65
N PRO K 56 -16.23 -12.20 23.03
CA PRO K 56 -14.77 -12.32 22.91
C PRO K 56 -14.14 -11.17 22.15
N PHE K 57 -14.81 -10.69 21.10
CA PHE K 57 -14.31 -9.54 20.36
C PHE K 57 -14.11 -8.36 21.30
N PHE K 58 -15.15 -8.01 22.05
CA PHE K 58 -15.07 -6.90 22.99
C PHE K 58 -13.96 -7.08 24.01
N ILE K 59 -13.33 -8.25 24.09
CA ILE K 59 -12.15 -8.40 24.93
C ILE K 59 -10.93 -7.80 24.24
N THR K 60 -10.60 -8.30 23.05
CA THR K 60 -9.34 -7.89 22.44
C THR K 60 -9.31 -6.39 22.16
N VAL K 61 -10.42 -5.83 21.68
CA VAL K 61 -10.48 -4.39 21.49
C VAL K 61 -10.22 -3.68 22.80
N GLY K 62 -10.84 -4.17 23.89
CA GLY K 62 -10.53 -3.61 25.20
C GLY K 62 -9.07 -3.79 25.54
N LEU K 63 -8.50 -4.95 25.19
CA LEU K 63 -7.07 -5.16 25.40
C LEU K 63 -6.23 -4.32 24.44
N VAL K 64 -6.81 -3.83 23.35
CA VAL K 64 -6.11 -2.99 22.39
C VAL K 64 -6.32 -1.53 22.75
N GLU K 65 -7.58 -1.09 22.69
CA GLU K 65 -7.89 0.31 22.94
C GLU K 65 -7.26 0.77 24.24
N ALA K 66 -7.31 -0.07 25.27
CA ALA K 66 -6.66 0.25 26.54
C ALA K 66 -5.30 0.88 26.29
N ALA K 67 -4.39 0.11 25.68
CA ALA K 67 -3.04 0.63 25.43
C ALA K 67 -3.12 1.99 24.74
N TYR K 68 -3.89 2.07 23.66
CA TYR K 68 -4.05 3.34 22.98
C TYR K 68 -4.53 4.42 23.94
N PHE K 69 -5.63 4.15 24.64
CA PHE K 69 -6.11 5.10 25.62
C PHE K 69 -5.08 5.33 26.71
N ILE K 70 -4.35 4.28 27.09
CA ILE K 70 -3.27 4.47 28.06
C ILE K 70 -2.31 5.53 27.54
N ASN K 71 -1.96 5.45 26.26
CA ASN K 71 -1.07 6.43 25.67
C ASN K 71 -1.66 7.83 25.78
N LEU K 72 -2.96 7.95 25.54
CA LEU K 72 -3.62 9.24 25.74
C LEU K 72 -3.33 9.75 27.13
N ALA K 73 -3.53 8.90 28.14
CA ALA K 73 -3.31 9.32 29.52
C ALA K 73 -1.90 9.83 29.74
N PHE K 74 -0.93 9.33 28.98
CA PHE K 74 0.42 9.90 29.07
C PHE K 74 0.62 11.09 28.17
N MET K 75 0.01 11.11 26.98
CA MET K 75 0.28 12.23 26.09
C MET K 75 -0.19 13.53 26.72
N ALA K 76 -1.34 13.51 27.39
CA ALA K 76 -1.79 14.69 28.12
C ALA K 76 -0.68 15.23 28.99
N LEU K 77 -0.02 14.34 29.74
CA LEU K 77 1.12 14.74 30.55
C LEU K 77 2.07 15.62 29.75
N PHE K 78 2.60 15.08 28.65
CA PHE K 78 3.62 15.79 27.90
C PHE K 78 3.12 17.11 27.35
N VAL K 79 1.81 17.28 27.19
CA VAL K 79 1.24 18.51 26.66
C VAL K 79 0.58 19.35 27.73
N PHE K 80 0.54 18.89 28.97
CA PHE K 80 0.00 19.68 30.07
C PHE K 80 0.85 19.69 31.32
N ALA K 81 1.70 18.69 31.54
CA ALA K 81 2.67 18.73 32.63
C ALA K 81 3.89 17.90 32.18
N THR K 82 4.87 18.58 31.59
CA THR K 82 6.06 17.91 31.11
C THR K 82 7.10 17.85 32.22
N PRO K 83 7.56 16.66 32.62
CA PRO K 83 8.55 16.60 33.70
C PRO K 83 9.79 17.40 33.36
N GLY K 84 10.33 18.09 34.36
CA GLY K 84 11.54 18.87 34.17
C GLY K 84 11.33 20.23 33.54
N LEU K 85 10.09 20.65 33.31
CA LEU K 85 9.86 21.98 32.76
C LEU K 85 10.45 23.03 33.69
N GLN K 86 11.05 24.06 33.09
CA GLN K 86 11.79 25.05 33.86
C GLN K 86 11.99 26.34 33.06
N ALA L 10 19.94 20.49 -13.37
CA ALA L 10 19.03 21.35 -14.10
C ALA L 10 17.81 20.57 -14.56
N ILE L 11 16.76 20.59 -13.75
CA ILE L 11 15.53 19.86 -14.03
C ILE L 11 14.46 20.78 -14.62
N HIS L 12 14.23 21.93 -13.99
CA HIS L 12 13.24 22.90 -14.45
C HIS L 12 11.85 22.25 -14.55
N VAL L 13 11.35 21.84 -13.39
CA VAL L 13 10.01 21.28 -13.31
C VAL L 13 8.98 22.40 -13.38
N GLY L 14 8.00 22.25 -14.24
CA GLY L 14 7.09 23.34 -14.54
C GLY L 14 7.57 24.11 -15.75
N HIS L 15 7.54 25.44 -15.67
CA HIS L 15 8.10 26.30 -16.70
C HIS L 15 7.58 25.91 -18.08
N HIS L 16 6.26 26.08 -18.27
CA HIS L 16 5.66 25.74 -19.54
C HIS L 16 6.35 26.46 -20.68
N THR L 17 6.73 25.70 -21.72
CA THR L 17 7.56 26.24 -22.78
C THR L 17 6.87 27.40 -23.50
N LEU L 18 5.59 27.22 -23.82
CA LEU L 18 4.81 28.24 -24.52
C LEU L 18 3.68 28.71 -23.61
N VAL L 19 3.62 30.02 -23.39
CA VAL L 19 2.60 30.62 -22.54
C VAL L 19 2.12 31.88 -23.21
N PHE L 20 0.81 32.16 -23.10
CA PHE L 20 0.24 33.37 -23.69
C PHE L 20 -0.82 33.92 -22.73
N GLU L 21 -1.39 35.06 -23.11
CA GLU L 21 -2.33 35.80 -22.27
C GLU L 21 -3.56 36.17 -23.08
N LEU L 22 -4.73 35.87 -22.55
CA LEU L 22 -5.98 36.26 -23.19
C LEU L 22 -7.07 36.39 -22.14
N PHE L 23 -7.97 37.35 -22.36
CA PHE L 23 -9.06 37.63 -21.43
C PHE L 23 -8.53 37.89 -20.03
N GLY L 24 -7.37 38.53 -19.94
CA GLY L 24 -6.76 38.78 -18.64
C GLY L 24 -6.47 37.50 -17.87
N MET L 25 -6.04 36.46 -18.57
CA MET L 25 -5.72 35.19 -17.92
C MET L 25 -4.59 34.52 -18.69
N THR L 26 -3.73 33.83 -17.95
CA THR L 26 -2.58 33.15 -18.54
C THR L 26 -2.96 31.75 -18.98
N PHE L 27 -2.36 31.31 -20.07
CA PHE L 27 -2.65 30.02 -20.68
C PHE L 27 -1.36 29.35 -21.09
N ASN L 28 -1.32 28.02 -20.97
CA ASN L 28 -0.14 27.22 -21.27
C ASN L 28 -0.24 26.73 -22.70
N GLY L 29 0.61 27.26 -23.58
CA GLY L 29 0.54 26.89 -24.99
C GLY L 29 0.90 25.44 -25.24
N ASP L 30 1.94 24.93 -24.57
CA ASP L 30 2.42 23.59 -24.86
C ASP L 30 1.39 22.52 -24.51
N THR L 31 0.72 22.67 -23.36
CA THR L 31 -0.30 21.70 -22.98
C THR L 31 -1.48 21.75 -23.94
N ILE L 32 -1.88 22.94 -24.36
CA ILE L 32 -2.95 23.06 -25.33
C ILE L 32 -2.55 22.41 -26.64
N LEU L 33 -1.28 22.57 -27.04
CA LEU L 33 -0.80 21.95 -28.26
C LEU L 33 -0.89 20.43 -28.17
N ALA L 34 -0.42 19.86 -27.06
CA ALA L 34 -0.48 18.41 -26.91
C ALA L 34 -1.92 17.92 -26.89
N THR L 35 -2.79 18.62 -26.18
CA THR L 35 -4.20 18.24 -26.13
C THR L 35 -4.84 18.31 -27.51
N ALA L 36 -4.52 19.36 -28.27
CA ALA L 36 -5.07 19.49 -29.61
C ALA L 36 -4.56 18.37 -30.52
N VAL L 37 -3.28 18.01 -30.39
CA VAL L 37 -2.75 16.93 -31.22
C VAL L 37 -3.46 15.62 -30.88
N THR L 38 -3.66 15.35 -29.60
CA THR L 38 -4.37 14.13 -29.22
C THR L 38 -5.81 14.16 -29.74
N ALA L 39 -6.47 15.30 -29.62
CA ALA L 39 -7.84 15.40 -30.12
C ALA L 39 -7.89 15.18 -31.63
N VAL L 40 -6.89 15.69 -32.36
CA VAL L 40 -6.85 15.49 -33.80
C VAL L 40 -6.66 14.02 -34.13
N ILE L 41 -5.79 13.33 -33.37
CA ILE L 41 -5.62 11.89 -33.61
C ILE L 41 -6.93 11.17 -33.37
N VAL L 42 -7.62 11.51 -32.29
CA VAL L 42 -8.89 10.87 -31.97
C VAL L 42 -9.91 11.13 -33.07
N ILE L 43 -9.98 12.36 -33.56
CA ILE L 43 -10.94 12.69 -34.60
C ILE L 43 -10.60 11.97 -35.90
N ALA L 44 -9.30 11.85 -36.20
CA ALA L 44 -8.90 11.10 -37.39
C ALA L 44 -9.36 9.66 -37.30
N LEU L 45 -9.17 9.04 -36.13
CA LEU L 45 -9.62 7.66 -35.96
C LEU L 45 -11.15 7.57 -36.05
N ALA L 46 -11.85 8.55 -35.49
CA ALA L 46 -13.31 8.53 -35.54
C ALA L 46 -13.81 8.63 -36.97
N PHE L 47 -13.26 9.54 -37.76
CA PHE L 47 -13.66 9.67 -39.15
C PHE L 47 -13.28 8.43 -39.95
N TYR L 48 -12.11 7.86 -39.68
CA TYR L 48 -11.73 6.62 -40.35
C TYR L 48 -12.75 5.53 -40.07
N LEU L 49 -13.14 5.38 -38.80
CA LEU L 49 -14.16 4.40 -38.45
C LEU L 49 -15.45 4.67 -39.22
N ARG L 50 -15.94 5.91 -39.15
CA ARG L 50 -17.21 6.22 -39.79
C ARG L 50 -17.17 5.89 -41.28
N ALA L 51 -16.06 6.22 -41.94
CA ALA L 51 -15.94 5.96 -43.36
C ALA L 51 -15.75 4.48 -43.67
N LYS L 52 -15.25 3.70 -42.72
CA LYS L 52 -14.94 2.29 -42.95
C LYS L 52 -15.64 1.41 -41.92
N VAL L 53 -16.93 1.66 -41.69
CA VAL L 53 -17.74 0.79 -40.83
C VAL L 53 -18.12 -0.43 -41.64
N THR L 54 -17.39 -1.53 -41.44
CA THR L 54 -17.69 -2.79 -42.12
C THR L 54 -18.60 -3.65 -41.24
N SER L 55 -19.87 -3.25 -41.20
CA SER L 55 -20.85 -3.98 -40.41
C SER L 55 -21.01 -5.41 -40.91
N THR L 56 -21.05 -5.59 -42.24
CA THR L 56 -21.14 -6.91 -42.84
C THR L 56 -19.78 -7.44 -43.29
N GLY L 57 -18.84 -6.56 -43.61
CA GLY L 57 -17.52 -6.98 -44.04
C GLY L 57 -16.62 -7.34 -42.88
N VAL L 58 -15.40 -7.73 -43.22
CA VAL L 58 -14.39 -8.09 -42.22
C VAL L 58 -13.94 -6.81 -41.52
N PRO L 59 -14.04 -6.72 -40.19
CA PRO L 59 -13.61 -5.50 -39.52
C PRO L 59 -12.14 -5.20 -39.75
N SER L 60 -11.83 -3.91 -39.88
CA SER L 60 -10.47 -3.45 -40.05
C SER L 60 -9.84 -3.16 -38.68
N GLY L 61 -8.59 -2.72 -38.70
CA GLY L 61 -7.92 -2.42 -37.44
C GLY L 61 -8.65 -1.37 -36.63
N VAL L 62 -9.04 -0.27 -37.28
CA VAL L 62 -9.75 0.79 -36.57
C VAL L 62 -11.08 0.27 -36.04
N GLN L 63 -11.83 -0.43 -36.89
CA GLN L 63 -13.14 -0.91 -36.49
C GLN L 63 -13.03 -1.88 -35.32
N LEU L 64 -12.11 -2.84 -35.41
CA LEU L 64 -11.99 -3.83 -34.35
C LEU L 64 -11.52 -3.18 -33.06
N PHE L 65 -10.56 -2.26 -33.15
CA PHE L 65 -10.10 -1.53 -31.98
C PHE L 65 -11.26 -0.81 -31.29
N TRP L 66 -12.03 -0.03 -32.06
CA TRP L 66 -13.12 0.74 -31.46
C TRP L 66 -14.17 -0.18 -30.86
N GLU L 67 -14.54 -1.25 -31.57
CA GLU L 67 -15.58 -2.12 -31.06
C GLU L 67 -15.10 -2.88 -29.82
N ALA L 68 -13.81 -3.23 -29.76
CA ALA L 68 -13.28 -3.87 -28.56
C ALA L 68 -13.39 -2.93 -27.37
N LEU L 69 -12.96 -1.67 -27.56
CA LEU L 69 -13.12 -0.69 -26.49
C LEU L 69 -14.58 -0.60 -26.05
N THR L 70 -15.49 -0.49 -27.02
CA THR L 70 -16.89 -0.30 -26.70
C THR L 70 -17.45 -1.49 -25.94
N ILE L 71 -17.13 -2.70 -26.38
CA ILE L 71 -17.69 -3.89 -25.73
C ILE L 71 -17.15 -4.01 -24.32
N GLN L 72 -15.85 -3.81 -24.13
CA GLN L 72 -15.31 -3.88 -22.78
C GLN L 72 -16.00 -2.88 -21.87
N MET L 73 -16.09 -1.63 -22.33
CA MET L 73 -16.67 -0.59 -21.50
C MET L 73 -18.13 -0.89 -21.17
N ARG L 74 -18.89 -1.35 -22.17
CA ARG L 74 -20.27 -1.73 -21.92
C ARG L 74 -20.35 -2.87 -20.92
N GLN L 75 -19.40 -3.79 -20.97
CA GLN L 75 -19.41 -4.89 -20.01
C GLN L 75 -19.26 -4.36 -18.59
N GLN L 76 -18.28 -3.48 -18.36
CA GLN L 76 -18.15 -2.93 -17.01
C GLN L 76 -19.39 -2.13 -16.63
N ILE L 77 -19.93 -1.35 -17.56
CA ILE L 77 -21.10 -0.55 -17.25
C ILE L 77 -22.24 -1.45 -16.78
N GLU L 78 -22.52 -2.50 -17.55
CA GLU L 78 -23.60 -3.40 -17.21
C GLU L 78 -23.34 -4.07 -15.87
N GLY L 79 -22.11 -4.53 -15.65
CA GLY L 79 -21.78 -5.10 -14.35
C GLY L 79 -21.98 -4.11 -13.22
N SER L 80 -21.90 -2.82 -13.52
CA SER L 80 -22.11 -1.78 -12.52
C SER L 80 -23.59 -1.39 -12.41
N ILE L 81 -24.17 -0.93 -13.52
CA ILE L 81 -25.54 -0.45 -13.55
C ILE L 81 -26.12 -0.73 -14.93
N GLY L 82 -27.44 -0.63 -15.04
CA GLY L 82 -28.12 -0.87 -16.29
C GLY L 82 -27.62 0.04 -17.41
N MET L 83 -27.34 -0.55 -18.57
CA MET L 83 -26.86 0.23 -19.70
C MET L 83 -27.88 1.28 -20.11
N LYS L 84 -29.16 0.90 -20.15
CA LYS L 84 -30.19 1.87 -20.50
C LYS L 84 -30.33 2.95 -19.44
N ILE L 85 -30.07 2.62 -18.18
CA ILE L 85 -30.14 3.62 -17.11
C ILE L 85 -29.12 4.71 -17.35
N ALA L 86 -27.94 4.35 -17.86
CA ALA L 86 -26.84 5.29 -18.07
C ALA L 86 -26.28 5.14 -19.48
N PRO L 87 -27.02 5.56 -20.50
CA PRO L 87 -26.54 5.40 -21.87
C PRO L 87 -25.33 6.26 -22.18
N PHE L 88 -25.39 7.54 -21.81
CA PHE L 88 -24.30 8.47 -22.09
C PHE L 88 -22.99 8.03 -21.45
N VAL L 89 -23.06 7.24 -20.39
CA VAL L 89 -21.85 6.85 -19.68
C VAL L 89 -20.90 6.12 -20.63
N LEU L 90 -21.44 5.30 -21.52
CA LEU L 90 -20.59 4.56 -22.45
C LEU L 90 -19.78 5.50 -23.34
N PRO L 91 -20.39 6.40 -24.10
CA PRO L 91 -19.58 7.32 -24.92
C PRO L 91 -18.65 8.16 -24.07
N LEU L 92 -19.10 8.63 -22.92
CA LEU L 92 -18.24 9.48 -22.10
C LEU L 92 -17.00 8.72 -21.65
N SER L 93 -17.19 7.49 -21.18
CA SER L 93 -16.08 6.71 -20.66
C SER L 93 -15.11 6.31 -21.77
N VAL L 94 -15.64 5.89 -22.92
CA VAL L 94 -14.74 5.54 -24.03
C VAL L 94 -13.96 6.77 -24.47
N THR L 95 -14.61 7.93 -24.48
CA THR L 95 -13.91 9.17 -24.80
C THR L 95 -12.75 9.40 -23.84
N ILE L 96 -13.03 9.29 -22.54
CA ILE L 96 -11.98 9.50 -21.54
C ILE L 96 -10.84 8.53 -21.76
N PHE L 97 -11.18 7.26 -21.98
CA PHE L 97 -10.17 6.22 -22.16
C PHE L 97 -9.26 6.53 -23.34
N VAL L 98 -9.85 6.79 -24.51
CA VAL L 98 -9.03 7.02 -25.70
C VAL L 98 -8.19 8.27 -25.50
N PHE L 99 -8.80 9.34 -24.97
CA PHE L 99 -8.09 10.59 -24.78
C PHE L 99 -6.85 10.38 -23.91
N ILE L 100 -7.04 9.79 -22.73
CA ILE L 100 -5.93 9.61 -21.81
C ILE L 100 -4.89 8.66 -22.41
N LEU L 101 -5.34 7.58 -23.04
CA LEU L 101 -4.40 6.60 -23.56
C LEU L 101 -3.50 7.22 -24.61
N ILE L 102 -4.08 7.97 -25.55
CA ILE L 102 -3.29 8.61 -26.57
C ILE L 102 -2.35 9.64 -25.94
N SER L 103 -2.88 10.44 -25.00
CA SER L 103 -2.05 11.46 -24.36
C SER L 103 -0.80 10.83 -23.76
N ASN L 104 -0.98 9.73 -23.02
CA ASN L 104 0.17 9.10 -22.37
C ASN L 104 1.06 8.39 -23.37
N TRP L 105 0.48 7.73 -24.37
CA TRP L 105 1.27 6.96 -25.32
C TRP L 105 2.18 7.86 -26.14
N LEU L 106 1.68 9.02 -26.57
CA LEU L 106 2.48 9.88 -27.44
C LEU L 106 3.79 10.30 -26.79
N ALA L 107 3.88 10.25 -25.46
CA ALA L 107 5.13 10.56 -24.79
C ALA L 107 6.24 9.58 -25.16
N VAL L 108 5.89 8.40 -25.68
CA VAL L 108 6.90 7.41 -26.03
C VAL L 108 7.77 7.92 -27.18
N LEU L 109 7.24 8.81 -28.01
CA LEU L 109 7.99 9.31 -29.14
C LEU L 109 9.23 10.06 -28.66
N PRO L 110 10.35 9.95 -29.38
CA PRO L 110 11.61 10.57 -28.91
C PRO L 110 11.75 12.05 -29.24
N LEU L 111 11.10 12.89 -28.44
CA LEU L 111 11.06 14.33 -28.68
C LEU L 111 11.90 15.10 -27.69
N GLN L 112 12.89 14.46 -27.06
CA GLN L 112 13.71 15.07 -26.04
C GLN L 112 15.07 15.46 -26.63
N TYR L 113 15.49 16.69 -26.37
CA TYR L 113 16.70 17.25 -26.94
C TYR L 113 17.38 18.10 -25.88
N GLY L 114 18.49 18.74 -26.27
CA GLY L 114 19.17 19.67 -25.40
C GLY L 114 18.68 21.08 -25.62
N GLY L 115 18.32 21.75 -24.53
CA GLY L 115 17.75 23.08 -24.58
C GLY L 115 18.77 24.20 -24.61
N ALA L 116 20.06 23.89 -24.74
CA ALA L 116 21.16 24.85 -24.73
C ALA L 116 21.40 25.43 -23.35
N ASP L 117 20.78 24.88 -22.30
CA ASP L 117 20.97 25.32 -20.93
C ASP L 117 21.65 24.26 -20.08
N GLY L 118 22.26 23.25 -20.69
CA GLY L 118 22.84 22.16 -19.93
C GLY L 118 21.82 21.20 -19.36
N ALA L 119 20.61 21.18 -19.91
CA ALA L 119 19.55 20.31 -19.41
C ALA L 119 18.86 19.59 -20.56
N ALA L 120 17.74 18.93 -20.28
CA ALA L 120 16.96 18.22 -21.28
C ALA L 120 15.58 18.85 -21.40
N ALA L 121 15.17 19.17 -22.62
CA ALA L 121 13.86 19.73 -22.90
C ALA L 121 13.16 18.89 -23.96
N GLU L 122 11.88 18.63 -23.77
CA GLU L 122 11.10 17.78 -24.67
C GLU L 122 10.13 18.63 -25.45
N LEU L 123 10.09 18.41 -26.78
CA LEU L 123 9.17 19.17 -27.61
C LEU L 123 7.72 18.86 -27.25
N TYR L 124 7.41 17.59 -27.03
CA TYR L 124 6.06 17.16 -26.67
C TYR L 124 6.04 16.78 -25.20
N LYS L 125 5.16 17.42 -24.45
CA LYS L 125 4.95 17.12 -23.04
C LYS L 125 3.55 16.58 -22.86
N ALA L 126 3.45 15.43 -22.20
CA ALA L 126 2.16 14.76 -22.08
C ALA L 126 1.14 15.69 -21.42
N PRO L 127 -0.04 15.88 -22.00
CA PRO L 127 -0.96 16.88 -21.45
C PRO L 127 -1.34 16.59 -20.01
N ALA L 128 -1.35 15.32 -19.60
CA ALA L 128 -1.62 14.99 -18.22
C ALA L 128 -0.51 15.46 -17.28
N SER L 129 0.69 15.70 -17.81
CA SER L 129 1.78 16.18 -16.98
C SER L 129 1.48 17.56 -16.39
N ASP L 130 0.51 18.27 -16.94
CA ASP L 130 0.08 19.56 -16.42
C ASP L 130 -1.13 19.37 -15.52
N ILE L 131 -1.13 20.05 -14.38
CA ILE L 131 -2.23 19.92 -13.43
C ILE L 131 -3.53 20.41 -14.06
N ASN L 132 -3.46 21.35 -14.98
CA ASN L 132 -4.68 21.89 -15.58
C ASN L 132 -5.45 20.81 -16.32
N PHE L 133 -4.76 19.95 -17.07
CA PHE L 133 -5.43 18.94 -17.87
C PHE L 133 -6.21 17.98 -16.99
N VAL L 134 -5.54 17.40 -15.99
CA VAL L 134 -6.20 16.44 -15.11
C VAL L 134 -7.29 17.14 -14.30
N LEU L 135 -7.06 18.39 -13.91
CA LEU L 135 -8.09 19.14 -13.21
C LEU L 135 -9.34 19.25 -14.08
N ALA L 136 -9.17 19.61 -15.35
CA ALA L 136 -10.30 19.76 -16.24
C ALA L 136 -11.05 18.44 -16.38
N LEU L 137 -10.32 17.36 -16.65
CA LEU L 137 -10.97 16.07 -16.85
C LEU L 137 -11.73 15.64 -15.59
N ALA L 138 -11.08 15.74 -14.44
CA ALA L 138 -11.70 15.28 -13.20
C ALA L 138 -12.90 16.14 -12.84
N LEU L 139 -12.80 17.46 -12.96
CA LEU L 139 -13.92 18.32 -12.64
C LEU L 139 -15.09 18.08 -13.60
N PHE L 140 -14.78 17.89 -14.88
CA PHE L 140 -15.84 17.59 -15.84
C PHE L 140 -16.56 16.30 -15.47
N VAL L 141 -15.81 15.26 -15.12
CA VAL L 141 -16.42 14.00 -14.73
C VAL L 141 -17.26 14.18 -13.46
N PHE L 142 -16.74 14.98 -12.52
CA PHE L 142 -17.46 15.22 -11.28
C PHE L 142 -18.81 15.87 -11.55
N VAL L 143 -18.80 16.96 -12.31
CA VAL L 143 -20.04 17.63 -12.66
C VAL L 143 -20.96 16.68 -13.40
N CYS L 144 -20.41 15.88 -14.31
CA CYS L 144 -21.24 14.99 -15.11
C CYS L 144 -21.98 13.99 -14.23
N TYR L 145 -21.25 13.27 -13.37
CA TYR L 145 -21.94 12.23 -12.62
C TYR L 145 -22.78 12.80 -11.49
N HIS L 146 -22.43 13.97 -10.97
CA HIS L 146 -23.33 14.60 -10.00
C HIS L 146 -24.60 15.08 -10.67
N ALA L 147 -24.52 15.55 -11.91
CA ALA L 147 -25.73 15.91 -12.65
C ALA L 147 -26.57 14.69 -12.93
N ALA L 148 -25.94 13.58 -13.28
CA ALA L 148 -26.69 12.34 -13.47
C ALA L 148 -27.38 11.91 -12.19
N GLY L 149 -26.70 12.06 -11.05
CA GLY L 149 -27.33 11.77 -9.77
C GLY L 149 -28.50 12.69 -9.49
N ILE L 150 -28.37 13.97 -9.84
CA ILE L 150 -29.46 14.91 -9.65
C ILE L 150 -30.67 14.49 -10.49
N TRP L 151 -30.42 14.12 -11.75
CA TRP L 151 -31.51 13.66 -12.60
C TRP L 151 -32.18 12.43 -12.00
N ARG L 152 -31.38 11.46 -11.55
CA ARG L 152 -31.94 10.21 -11.05
C ARG L 152 -32.74 10.43 -9.76
N ARG L 153 -32.15 11.17 -8.82
CA ARG L 153 -32.76 11.33 -7.50
C ARG L 153 -33.42 12.69 -7.30
N GLY L 154 -33.09 13.68 -8.12
CA GLY L 154 -33.56 15.03 -7.93
C GLY L 154 -32.52 15.90 -7.23
N ILE L 155 -32.78 17.21 -7.24
CA ILE L 155 -31.82 18.15 -6.67
C ILE L 155 -31.78 18.01 -5.15
N VAL L 156 -32.93 17.74 -4.52
CA VAL L 156 -32.98 17.72 -3.06
C VAL L 156 -32.63 16.34 -2.52
N GLY L 157 -33.09 15.28 -3.18
CA GLY L 157 -32.83 13.95 -2.67
C GLY L 157 -31.35 13.57 -2.73
N HIS L 158 -30.68 13.96 -3.81
CA HIS L 158 -29.28 13.56 -3.99
C HIS L 158 -28.38 13.96 -2.83
N PRO L 159 -28.35 15.22 -2.39
CA PRO L 159 -27.49 15.56 -1.24
C PRO L 159 -27.84 14.78 0.02
N ILE L 160 -29.12 14.62 0.30
CA ILE L 160 -29.52 13.86 1.48
C ILE L 160 -29.07 12.42 1.35
N LYS L 161 -29.22 11.84 0.16
CA LYS L 161 -28.81 10.46 -0.06
C LYS L 161 -27.31 10.29 0.16
N VAL L 162 -26.50 11.18 -0.43
CA VAL L 162 -25.06 11.04 -0.29
C VAL L 162 -24.63 11.25 1.15
N VAL L 163 -25.23 12.24 1.83
CA VAL L 163 -24.89 12.47 3.23
C VAL L 163 -25.20 11.24 4.06
N LYS L 164 -26.39 10.66 3.86
CA LYS L 164 -26.75 9.44 4.59
C LYS L 164 -25.79 8.31 4.24
N GLY L 165 -25.48 8.17 2.95
CA GLY L 165 -24.51 7.16 2.54
C GLY L 165 -24.96 5.77 2.95
N HIS L 166 -24.13 5.10 3.74
CA HIS L 166 -24.41 3.76 4.23
C HIS L 166 -24.79 3.73 5.70
N VAL L 167 -24.11 4.50 6.55
CA VAL L 167 -24.43 4.59 7.97
C VAL L 167 -24.44 6.07 8.34
N ALA L 168 -25.46 6.48 9.10
CA ALA L 168 -25.62 7.89 9.42
C ALA L 168 -24.47 8.41 10.27
N PHE L 169 -24.04 7.65 11.27
CA PHE L 169 -23.07 8.17 12.24
C PHE L 169 -21.69 8.35 11.63
N LEU L 170 -21.44 7.86 10.42
CA LEU L 170 -20.23 8.16 9.68
C LEU L 170 -20.48 9.18 8.57
N ALA L 171 -21.37 10.14 8.81
CA ALA L 171 -21.69 11.12 7.78
C ALA L 171 -20.46 11.88 7.30
N PRO L 172 -19.61 12.43 8.17
CA PRO L 172 -18.44 13.19 7.67
C PRO L 172 -17.67 12.45 6.59
N ILE L 173 -17.29 11.20 6.84
CA ILE L 173 -16.54 10.43 5.85
C ILE L 173 -17.27 10.45 4.52
N ASN L 174 -18.58 10.24 4.55
CA ASN L 174 -19.36 10.25 3.31
C ASN L 174 -19.10 11.54 2.53
N ILE L 175 -19.24 12.69 3.18
CA ILE L 175 -18.94 13.95 2.51
C ILE L 175 -17.52 13.92 1.96
N VAL L 176 -16.56 13.52 2.79
CA VAL L 176 -15.19 13.42 2.32
C VAL L 176 -15.13 12.53 1.09
N GLU L 177 -15.83 11.39 1.15
CA GLU L 177 -15.86 10.49 0.00
C GLU L 177 -16.25 11.26 -1.26
N GLU L 178 -17.33 12.03 -1.18
CA GLU L 178 -17.71 12.85 -2.33
C GLU L 178 -16.56 13.73 -2.75
N LEU L 179 -16.01 14.51 -1.81
CA LEU L 179 -14.88 15.36 -2.14
C LEU L 179 -13.66 14.53 -2.50
N ALA L 180 -13.59 13.29 -2.00
CA ALA L 180 -12.48 12.42 -2.36
C ALA L 180 -12.62 11.92 -3.79
N LYS L 181 -13.85 11.87 -4.32
CA LYS L 181 -14.05 11.35 -5.67
C LYS L 181 -13.22 12.11 -6.70
N PRO L 182 -13.45 13.40 -6.92
CA PRO L 182 -12.74 14.09 -8.00
C PRO L 182 -11.24 14.17 -7.77
N ILE L 183 -10.84 14.66 -6.60
CA ILE L 183 -9.42 14.86 -6.34
C ILE L 183 -8.66 13.55 -6.54
N SER L 184 -9.17 12.46 -5.95
CA SER L 184 -8.52 11.16 -6.13
C SER L 184 -8.31 10.87 -7.61
N LEU L 185 -9.34 11.10 -8.42
CA LEU L 185 -9.22 10.86 -9.85
C LEU L 185 -8.11 11.69 -10.46
N ALA L 186 -8.05 12.98 -10.11
CA ALA L 186 -7.09 13.86 -10.76
C ALA L 186 -5.67 13.51 -10.36
N LEU L 187 -5.37 13.62 -9.07
CA LEU L 187 -3.99 13.55 -8.63
C LEU L 187 -3.29 12.32 -9.18
N ARG L 188 -3.89 11.15 -9.02
CA ARG L 188 -3.22 9.93 -9.46
C ARG L 188 -2.79 10.07 -10.91
N LEU L 189 -3.71 10.46 -11.78
CA LEU L 189 -3.36 10.62 -13.19
C LEU L 189 -2.16 11.53 -13.32
N PHE L 190 -2.24 12.71 -12.72
CA PHE L 190 -1.10 13.61 -12.70
C PHE L 190 0.16 12.85 -12.35
N GLY L 191 0.18 12.25 -11.15
CA GLY L 191 1.37 11.52 -10.74
C GLY L 191 1.77 10.49 -11.77
N ASN L 192 0.82 9.67 -12.23
CA ASN L 192 1.16 8.57 -13.11
C ASN L 192 1.91 9.07 -14.33
N ILE L 193 1.64 10.30 -14.76
CA ILE L 193 2.34 10.89 -15.88
C ILE L 193 3.44 11.81 -15.44
N PHE L 194 3.22 12.55 -14.34
CA PHE L 194 4.19 13.56 -13.94
C PHE L 194 5.54 12.93 -13.65
N ALA L 195 5.53 11.80 -12.92
CA ALA L 195 6.77 11.09 -12.66
C ALA L 195 7.52 10.85 -13.96
N GLY L 196 6.81 10.35 -14.98
CA GLY L 196 7.46 10.15 -16.27
C GLY L 196 8.19 11.39 -16.73
N GLY L 197 7.48 12.53 -16.75
CA GLY L 197 8.12 13.75 -17.17
C GLY L 197 9.37 14.05 -16.38
N ILE L 198 9.31 13.84 -15.06
CA ILE L 198 10.50 14.00 -14.24
C ILE L 198 11.53 12.95 -14.61
N LEU L 199 11.12 11.69 -14.64
CA LEU L 199 12.10 10.61 -14.74
C LEU L 199 12.94 10.75 -15.99
N VAL L 200 12.30 10.95 -17.15
CA VAL L 200 13.06 11.12 -18.39
C VAL L 200 14.06 12.24 -18.22
N ALA L 201 13.60 13.39 -17.71
CA ALA L 201 14.52 14.49 -17.46
C ALA L 201 15.64 14.05 -16.53
N LEU L 202 15.29 13.38 -15.43
CA LEU L 202 16.31 12.86 -14.55
C LEU L 202 17.22 11.88 -15.29
N ILE L 203 16.62 11.01 -16.11
CA ILE L 203 17.43 10.07 -16.86
C ILE L 203 18.41 10.80 -17.76
N ALA L 204 18.04 12.00 -18.21
CA ALA L 204 18.94 12.76 -19.08
C ALA L 204 20.24 13.13 -18.38
N MET L 205 20.25 13.18 -17.05
CA MET L 205 21.49 13.55 -16.36
C MET L 205 22.61 12.56 -16.63
N PHE L 206 22.27 11.31 -16.93
CA PHE L 206 23.29 10.32 -17.20
C PHE L 206 23.92 10.55 -18.57
N PRO L 207 25.15 10.08 -18.77
CA PRO L 207 25.76 10.18 -20.10
C PRO L 207 24.92 9.45 -21.14
N TRP L 208 24.89 10.02 -22.35
CA TRP L 208 24.00 9.50 -23.39
C TRP L 208 24.27 8.02 -23.64
N TYR L 209 25.55 7.63 -23.74
CA TYR L 209 25.88 6.24 -24.02
C TYR L 209 25.55 5.31 -22.87
N ILE L 210 25.20 5.86 -21.71
CA ILE L 210 24.68 5.06 -20.60
C ILE L 210 23.24 5.49 -20.33
N GLN L 211 22.86 6.68 -20.83
CA GLN L 211 21.52 7.18 -20.59
C GLN L 211 20.49 6.48 -21.46
N TRP L 212 20.90 5.97 -22.62
CA TRP L 212 19.93 5.41 -23.56
C TRP L 212 19.17 4.24 -22.94
N PHE L 213 19.88 3.30 -22.30
CA PHE L 213 19.24 2.08 -21.84
C PHE L 213 18.17 2.35 -20.79
N PRO L 214 18.48 2.98 -19.65
CA PRO L 214 17.43 3.23 -18.66
C PRO L 214 16.30 4.07 -19.22
N ASN L 215 16.59 4.94 -20.18
CA ASN L 215 15.52 5.69 -20.82
C ASN L 215 14.55 4.75 -21.51
N ALA L 216 15.07 3.76 -22.24
CA ALA L 216 14.20 2.79 -22.90
C ALA L 216 13.39 1.99 -21.89
N VAL L 217 14.05 1.51 -20.83
CA VAL L 217 13.35 0.69 -19.84
C VAL L 217 12.23 1.49 -19.20
N TRP L 218 12.54 2.72 -18.78
CA TRP L 218 11.51 3.54 -18.15
C TRP L 218 10.41 3.91 -19.13
N LYS L 219 10.73 4.06 -20.42
CA LYS L 219 9.70 4.44 -21.37
C LYS L 219 8.73 3.28 -21.61
N THR L 220 9.23 2.05 -21.67
CA THR L 220 8.31 0.93 -21.77
C THR L 220 7.46 0.80 -20.50
N PHE L 221 8.09 0.96 -19.34
CA PHE L 221 7.30 0.97 -18.12
C PHE L 221 6.26 2.09 -18.14
N ASP L 222 6.61 3.22 -18.75
CA ASP L 222 5.68 4.34 -18.84
C ASP L 222 4.51 4.00 -19.75
N LEU L 223 4.78 3.29 -20.85
CA LEU L 223 3.69 2.81 -21.68
C LEU L 223 2.72 1.97 -20.87
N PHE L 224 3.26 1.01 -20.11
CA PHE L 224 2.39 0.16 -19.30
C PHE L 224 1.62 0.98 -18.28
N VAL L 225 2.30 1.94 -17.63
CA VAL L 225 1.66 2.74 -16.59
C VAL L 225 0.54 3.58 -17.17
N GLY L 226 0.78 4.20 -18.33
CA GLY L 226 -0.27 5.00 -18.96
C GLY L 226 -1.46 4.16 -19.36
N LEU L 227 -1.21 2.96 -19.90
CA LEU L 227 -2.31 2.08 -20.26
C LEU L 227 -3.15 1.74 -19.03
N ILE L 228 -2.51 1.29 -17.96
CA ILE L 228 -3.26 0.88 -16.77
C ILE L 228 -3.97 2.09 -16.16
N GLN L 229 -3.33 3.25 -16.19
CA GLN L 229 -3.96 4.43 -15.61
C GLN L 229 -5.20 4.82 -16.38
N ALA L 230 -5.14 4.78 -17.72
CA ALA L 230 -6.32 5.09 -18.51
C ALA L 230 -7.44 4.09 -18.21
N PHE L 231 -7.09 2.81 -18.13
CA PHE L 231 -8.08 1.79 -17.85
C PHE L 231 -8.75 2.04 -16.50
N ILE L 232 -7.96 2.29 -15.46
CA ILE L 232 -8.52 2.51 -14.14
C ILE L 232 -9.30 3.82 -14.08
N PHE L 233 -8.86 4.85 -14.81
CA PHE L 233 -9.61 6.09 -14.83
C PHE L 233 -10.99 5.88 -15.42
N SER L 234 -11.06 5.14 -16.53
CA SER L 234 -12.37 4.85 -17.13
C SER L 234 -13.23 4.03 -16.19
N LEU L 235 -12.65 3.01 -15.55
CA LEU L 235 -13.42 2.17 -14.64
C LEU L 235 -13.93 2.97 -13.45
N LEU L 236 -13.09 3.84 -12.90
CA LEU L 236 -13.51 4.68 -11.79
C LEU L 236 -14.63 5.61 -12.21
N THR L 237 -14.54 6.18 -13.41
CA THR L 237 -15.61 7.04 -13.90
C THR L 237 -16.92 6.27 -13.97
N ILE L 238 -16.88 5.08 -14.57
CA ILE L 238 -18.10 4.28 -14.71
C ILE L 238 -18.66 3.94 -13.33
N LEU L 239 -17.79 3.54 -12.40
CA LEU L 239 -18.24 3.19 -11.07
C LEU L 239 -18.89 4.39 -10.38
N TYR L 240 -18.24 5.54 -10.42
CA TYR L 240 -18.79 6.71 -9.74
C TYR L 240 -20.11 7.10 -10.35
N PHE L 241 -20.25 6.95 -11.67
CA PHE L 241 -21.55 7.18 -12.30
C PHE L 241 -22.59 6.22 -11.73
N SER L 242 -22.25 4.94 -11.65
CA SER L 242 -23.20 3.95 -11.17
C SER L 242 -23.62 4.22 -9.73
N GLN L 243 -22.65 4.52 -8.87
CA GLN L 243 -22.94 4.72 -7.46
C GLN L 243 -23.87 5.93 -7.27
N SER L 244 -23.66 6.98 -8.05
CA SER L 244 -24.48 8.17 -7.95
C SER L 244 -25.92 7.93 -8.40
N MET L 245 -26.20 6.79 -9.04
CA MET L 245 -27.53 6.47 -9.55
C MET L 245 -27.94 5.11 -8.99
N GLU L 246 -28.67 5.13 -7.88
CA GLU L 246 -29.15 3.91 -7.27
C GLU L 246 -30.12 4.26 -6.15
N LEU L 247 -31.18 3.47 -6.01
CA LEU L 247 -32.19 3.68 -4.98
C LEU L 247 -32.77 5.08 -5.08
N SER M 22 6.41 29.00 -9.36
CA SER M 22 6.73 27.73 -9.99
C SER M 22 6.02 26.58 -9.27
N ASN M 23 4.83 26.87 -8.76
CA ASN M 23 4.06 25.85 -8.06
C ASN M 23 3.65 24.73 -8.99
N PHE M 24 3.25 25.07 -10.22
CA PHE M 24 2.74 24.12 -11.21
C PHE M 24 1.71 23.17 -10.60
N LEU M 25 1.06 23.58 -9.52
CA LEU M 25 -0.08 22.87 -8.97
C LEU M 25 -1.30 23.77 -8.85
N ILE M 26 -1.18 25.03 -9.24
CA ILE M 26 -2.28 25.98 -9.18
C ILE M 26 -3.04 25.91 -10.50
N PRO M 27 -4.38 25.92 -10.49
CA PRO M 27 -5.11 25.92 -11.76
C PRO M 27 -4.75 27.16 -12.58
N ASN M 28 -4.69 26.97 -13.89
CA ASN M 28 -4.31 28.00 -14.84
C ASN M 28 -5.50 28.31 -15.75
N GLY M 29 -5.31 29.29 -16.64
CA GLY M 29 -6.31 29.50 -17.68
C GLY M 29 -6.46 28.29 -18.58
N THR M 30 -5.35 27.60 -18.83
CA THR M 30 -5.36 26.36 -19.62
C THR M 30 -6.53 25.48 -19.22
N PHE M 31 -6.81 25.40 -17.92
CA PHE M 31 -7.92 24.58 -17.42
C PHE M 31 -9.15 24.73 -18.29
N PHE M 32 -9.62 25.96 -18.48
CA PHE M 32 -10.79 26.16 -19.33
C PHE M 32 -10.51 25.72 -20.76
N ALA M 33 -9.43 26.22 -21.34
CA ALA M 33 -9.18 25.98 -22.76
C ALA M 33 -9.15 24.49 -23.06
N VAL M 34 -8.34 23.73 -22.32
CA VAL M 34 -8.24 22.29 -22.56
C VAL M 34 -9.64 21.67 -22.47
N LEU M 35 -10.39 22.04 -21.44
CA LEU M 35 -11.72 21.46 -21.28
C LEU M 35 -12.49 21.53 -22.58
N ILE M 36 -12.46 22.70 -23.24
CA ILE M 36 -13.25 22.91 -24.44
C ILE M 36 -12.92 21.82 -25.46
N ILE M 37 -11.64 21.60 -25.72
CA ILE M 37 -11.27 20.58 -26.69
C ILE M 37 -11.87 19.25 -26.29
N PHE M 38 -11.65 18.85 -25.03
CA PHE M 38 -12.21 17.58 -24.59
C PHE M 38 -13.70 17.51 -24.90
N LEU M 39 -14.42 18.59 -24.58
CA LEU M 39 -15.85 18.58 -24.81
C LEU M 39 -16.17 18.19 -26.25
N ILE M 40 -15.53 18.86 -27.22
CA ILE M 40 -15.90 18.60 -28.61
C ILE M 40 -15.63 17.14 -28.94
N VAL M 41 -14.54 16.58 -28.41
CA VAL M 41 -14.23 15.19 -28.70
C VAL M 41 -15.38 14.31 -28.24
N LEU M 42 -15.86 14.53 -27.02
CA LEU M 42 -17.04 13.80 -26.55
C LEU M 42 -18.16 13.93 -27.57
N GLY M 43 -18.44 15.15 -28.01
CA GLY M 43 -19.51 15.35 -28.97
C GLY M 43 -19.29 14.52 -30.22
N VAL M 44 -18.05 14.44 -30.70
CA VAL M 44 -17.78 13.63 -31.87
C VAL M 44 -18.02 12.16 -31.56
N ILE M 45 -17.57 11.70 -30.39
CA ILE M 45 -17.67 10.29 -30.07
C ILE M 45 -19.09 9.90 -29.70
N SER M 46 -19.94 10.86 -29.31
CA SER M 46 -21.30 10.56 -28.92
C SER M 46 -22.25 10.44 -30.11
N LYS M 47 -21.80 10.78 -31.31
CA LYS M 47 -22.69 10.79 -32.47
C LYS M 47 -22.16 9.99 -33.65
N TRP M 48 -20.86 10.03 -33.91
CA TRP M 48 -20.30 9.43 -35.11
C TRP M 48 -19.46 8.19 -34.85
N VAL M 49 -19.25 7.80 -33.59
CA VAL M 49 -18.46 6.62 -33.27
C VAL M 49 -19.28 5.66 -32.41
N VAL M 50 -19.71 6.13 -31.23
CA VAL M 50 -20.37 5.24 -30.29
C VAL M 50 -21.69 4.70 -30.83
N PRO M 51 -22.58 5.51 -31.39
CA PRO M 51 -23.87 4.98 -31.85
C PRO M 51 -23.71 4.01 -33.00
N PRO M 52 -22.88 4.32 -34.00
CA PRO M 52 -22.64 3.31 -35.05
C PRO M 52 -22.07 2.02 -34.51
N ILE M 53 -21.14 2.07 -33.56
CA ILE M 53 -20.57 0.85 -33.01
C ILE M 53 -21.61 0.08 -32.21
N SER M 54 -22.45 0.79 -31.46
CA SER M 54 -23.54 0.12 -30.75
C SER M 54 -24.46 -0.59 -31.72
N LYS M 55 -24.80 0.07 -32.83
CA LYS M 55 -25.65 -0.56 -33.84
C LYS M 55 -24.97 -1.79 -34.43
N VAL M 56 -23.68 -1.70 -34.71
CA VAL M 56 -22.95 -2.83 -35.30
C VAL M 56 -22.97 -4.00 -34.33
N LEU M 57 -22.66 -3.75 -33.06
CA LEU M 57 -22.64 -4.83 -32.08
C LEU M 57 -24.04 -5.43 -31.90
N ALA M 58 -25.06 -4.58 -31.82
CA ALA M 58 -26.41 -5.09 -31.61
C ALA M 58 -26.85 -5.94 -32.80
N GLU M 59 -26.56 -5.49 -34.02
CA GLU M 59 -26.99 -6.27 -35.18
C GLU M 59 -26.18 -7.55 -35.31
N ARG M 60 -24.89 -7.54 -34.92
CA ARG M 60 -24.14 -8.78 -34.91
C ARG M 60 -24.74 -9.78 -33.92
N GLU M 61 -25.09 -9.30 -32.72
CA GLU M 61 -25.70 -10.20 -31.74
C GLU M 61 -27.05 -10.72 -32.24
N ALA M 62 -27.84 -9.85 -32.87
CA ALA M 62 -29.12 -10.29 -33.42
C ALA M 62 -28.91 -11.32 -34.52
N MET M 63 -27.87 -11.13 -35.33
CA MET M 63 -27.55 -12.13 -36.35
C MET M 63 -27.22 -13.46 -35.70
N LEU M 64 -26.43 -13.44 -34.63
CA LEU M 64 -26.08 -14.69 -33.94
C LEU M 64 -27.32 -15.38 -33.40
N ALA M 65 -28.18 -14.62 -32.73
CA ALA M 65 -29.38 -15.22 -32.13
C ALA M 65 -30.31 -15.77 -33.20
N LYS M 66 -30.54 -14.99 -34.26
CA LYS M 66 -31.41 -15.45 -35.33
C LYS M 66 -30.82 -16.66 -36.05
N THR M 67 -29.49 -16.72 -36.18
CA THR M 67 -28.87 -17.89 -36.80
C THR M 67 -29.04 -19.13 -35.94
N ALA M 68 -28.88 -18.99 -34.62
CA ALA M 68 -29.14 -20.12 -33.74
C ALA M 68 -30.60 -20.56 -33.85
N ALA M 69 -31.52 -19.60 -33.88
CA ALA M 69 -32.93 -19.94 -34.02
C ALA M 69 -33.20 -20.64 -35.34
N ASP M 70 -32.55 -20.18 -36.41
CA ASP M 70 -32.73 -20.81 -37.71
C ASP M 70 -32.23 -22.24 -37.70
N ASN M 71 -31.05 -22.48 -37.12
CA ASN M 71 -30.54 -23.84 -37.04
C ASN M 71 -31.49 -24.74 -36.27
N ARG M 72 -31.96 -24.25 -35.12
CA ARG M 72 -32.90 -25.06 -34.34
C ARG M 72 -34.17 -25.35 -35.14
N LYS M 73 -34.78 -24.31 -35.68
CA LYS M 73 -36.05 -24.48 -36.39
C LYS M 73 -35.87 -25.41 -37.58
N SER M 74 -34.70 -25.37 -38.22
CA SER M 74 -34.38 -26.37 -39.24
C SER M 74 -34.34 -27.76 -38.65
N ALA M 75 -33.80 -27.90 -37.44
CA ALA M 75 -33.71 -29.21 -36.81
C ALA M 75 -35.09 -29.81 -36.59
N GLU M 76 -35.98 -29.07 -35.93
CA GLU M 76 -37.34 -29.58 -35.73
C GLU M 76 -38.25 -29.36 -36.94
N GLN M 77 -37.73 -28.85 -38.03
CA GLN M 77 -38.45 -28.94 -39.31
C GLN M 77 -38.14 -30.27 -39.99
N VAL M 78 -36.86 -30.58 -40.15
CA VAL M 78 -36.49 -31.87 -40.72
C VAL M 78 -37.05 -33.00 -39.87
N ALA M 79 -37.02 -32.82 -38.54
CA ALA M 79 -37.74 -33.74 -37.67
C ALA M 79 -39.24 -33.68 -37.94
N ALA M 80 -39.76 -32.48 -38.20
CA ALA M 80 -41.17 -32.32 -38.53
C ALA M 80 -41.42 -32.72 -39.98
N MET N 1 22.46 17.75 -27.62
CA MET N 1 22.02 16.75 -28.64
C MET N 1 22.52 15.37 -28.27
N SER N 2 23.61 15.31 -27.49
CA SER N 2 24.08 14.01 -27.01
C SER N 2 22.98 13.29 -26.25
N ILE N 3 22.27 14.01 -25.39
CA ILE N 3 21.09 13.45 -24.75
C ILE N 3 20.06 13.10 -25.81
N PHE N 4 19.94 13.93 -26.85
CA PHE N 4 19.02 13.62 -27.94
C PHE N 4 19.41 12.31 -28.62
N ILE N 5 20.71 12.11 -28.87
CA ILE N 5 21.16 10.88 -29.51
C ILE N 5 20.87 9.67 -28.63
N GLY N 6 21.17 9.79 -27.33
CA GLY N 6 20.86 8.70 -26.42
C GLY N 6 19.38 8.39 -26.38
N GLN N 7 18.55 9.44 -26.37
CA GLN N 7 17.11 9.24 -26.32
C GLN N 7 16.61 8.57 -27.59
N LEU N 8 17.14 8.96 -28.75
CA LEU N 8 16.75 8.32 -29.99
C LEU N 8 17.17 6.85 -30.00
N ILE N 9 18.35 6.55 -29.48
CA ILE N 9 18.80 5.15 -29.41
C ILE N 9 17.87 4.35 -28.51
N GLY N 10 17.49 4.92 -27.37
CA GLY N 10 16.55 4.24 -26.50
C GLY N 10 15.22 3.98 -27.17
N PHE N 11 14.70 4.98 -27.89
CA PHE N 11 13.42 4.80 -28.59
C PHE N 11 13.54 3.74 -29.66
N ALA N 12 14.68 3.70 -30.37
CA ALA N 12 14.88 2.66 -31.36
C ALA N 12 14.89 1.27 -30.72
N VAL N 13 15.54 1.14 -29.57
CA VAL N 13 15.54 -0.14 -28.87
C VAL N 13 14.13 -0.51 -28.44
N ILE N 14 13.35 0.46 -27.98
CA ILE N 14 11.98 0.18 -27.56
C ILE N 14 11.15 -0.29 -28.75
N ALA N 15 11.28 0.38 -29.89
CA ALA N 15 10.56 -0.04 -31.07
C ALA N 15 10.99 -1.43 -31.51
N PHE N 16 12.28 -1.72 -31.40
CA PHE N 16 12.77 -3.07 -31.70
C PHE N 16 12.07 -4.10 -30.84
N ILE N 17 12.05 -3.87 -29.52
CA ILE N 17 11.42 -4.83 -28.61
C ILE N 17 9.95 -5.00 -28.96
N ILE N 18 9.26 -3.88 -29.19
CA ILE N 18 7.84 -3.94 -29.53
C ILE N 18 7.62 -4.81 -30.76
N VAL N 19 8.19 -4.39 -31.89
CA VAL N 19 7.94 -5.10 -33.15
C VAL N 19 8.37 -6.56 -33.04
N LYS N 20 9.41 -6.83 -32.26
CA LYS N 20 9.91 -8.20 -32.15
C LYS N 20 8.93 -9.08 -31.40
N TRP N 21 8.46 -8.62 -30.24
CA TRP N 21 7.73 -9.50 -29.33
C TRP N 21 6.23 -9.21 -29.27
N VAL N 22 5.85 -7.94 -29.10
CA VAL N 22 4.45 -7.64 -28.81
C VAL N 22 3.61 -7.55 -30.07
N VAL N 23 4.18 -7.09 -31.18
CA VAL N 23 3.41 -6.94 -32.41
C VAL N 23 2.86 -8.29 -32.90
N PRO N 24 3.63 -9.36 -32.96
CA PRO N 24 3.11 -10.61 -33.50
C PRO N 24 1.86 -11.08 -32.77
N PRO N 25 1.88 -11.15 -31.43
CA PRO N 25 0.67 -11.62 -30.74
C PRO N 25 -0.53 -10.71 -30.89
N VAL N 26 -0.34 -9.38 -30.90
CA VAL N 26 -1.48 -8.49 -31.06
C VAL N 26 -2.07 -8.64 -32.46
N ARG N 27 -1.21 -8.77 -33.48
CA ARG N 27 -1.72 -9.02 -34.82
C ARG N 27 -2.39 -10.40 -34.90
N THR N 28 -1.89 -11.36 -34.15
CA THR N 28 -2.53 -12.68 -34.10
C THR N 28 -3.95 -12.57 -33.54
N LEU N 29 -4.13 -11.82 -32.46
CA LEU N 29 -5.46 -11.61 -31.90
C LEU N 29 -6.33 -10.85 -32.89
N MET N 30 -5.77 -9.84 -33.55
CA MET N 30 -6.50 -9.13 -34.60
C MET N 30 -7.05 -10.10 -35.63
N ARG N 31 -6.17 -10.94 -36.19
CA ARG N 31 -6.60 -11.87 -37.22
C ARG N 31 -7.60 -12.87 -36.68
N ASN N 32 -7.40 -13.34 -35.46
CA ASN N 32 -8.33 -14.29 -34.87
C ASN N 32 -9.73 -13.70 -34.75
N GLN N 33 -9.83 -12.45 -34.28
CA GLN N 33 -11.14 -11.83 -34.16
C GLN N 33 -11.77 -11.58 -35.52
N GLN N 34 -10.97 -11.12 -36.48
CA GLN N 34 -11.49 -10.93 -37.84
C GLN N 34 -12.06 -12.23 -38.38
N GLU N 35 -11.29 -13.31 -38.27
CA GLU N 35 -11.73 -14.60 -38.81
C GLU N 35 -12.92 -15.13 -38.03
N ALA N 36 -12.99 -14.87 -36.72
CA ALA N 36 -14.14 -15.31 -35.95
C ALA N 36 -15.41 -14.63 -36.41
N VAL N 37 -15.36 -13.32 -36.63
CA VAL N 37 -16.56 -12.62 -37.09
C VAL N 37 -16.92 -13.05 -38.51
N ARG N 38 -15.91 -13.27 -39.36
CA ARG N 38 -16.18 -13.74 -40.71
C ARG N 38 -16.83 -15.12 -40.69
N ALA N 39 -16.34 -16.01 -39.82
CA ALA N 39 -16.94 -17.33 -39.68
C ALA N 39 -18.36 -17.22 -39.17
N ALA N 40 -18.62 -16.30 -38.24
CA ALA N 40 -19.98 -16.11 -37.76
C ALA N 40 -20.89 -15.68 -38.91
N LEU N 41 -20.42 -14.76 -39.75
CA LEU N 41 -21.23 -14.33 -40.89
C LEU N 41 -21.50 -15.49 -41.85
N ALA N 42 -20.47 -16.28 -42.14
CA ALA N 42 -20.66 -17.42 -43.04
C ALA N 42 -21.64 -18.43 -42.43
N GLU N 43 -21.56 -18.65 -41.13
CA GLU N 43 -22.50 -19.53 -40.45
C GLU N 43 -23.92 -18.99 -40.55
N SER N 44 -24.08 -17.68 -40.41
CA SER N 44 -25.42 -17.11 -40.58
C SER N 44 -25.95 -17.36 -41.98
N ALA N 45 -25.10 -17.16 -43.00
CA ALA N 45 -25.53 -17.37 -44.37
C ALA N 45 -25.96 -18.82 -44.58
N GLU N 46 -25.13 -19.77 -44.13
CA GLU N 46 -25.46 -21.17 -44.34
C GLU N 46 -26.68 -21.60 -43.53
N ALA N 47 -26.88 -21.00 -42.36
CA ALA N 47 -28.09 -21.29 -41.60
C ALA N 47 -29.32 -20.76 -42.32
N ALA N 48 -29.22 -19.61 -42.97
CA ALA N 48 -30.32 -19.13 -43.79
C ALA N 48 -30.61 -20.10 -44.93
N LYS N 49 -29.56 -20.59 -45.59
CA LYS N 49 -29.74 -21.59 -46.63
C LYS N 49 -30.45 -22.83 -46.08
N LYS N 50 -30.03 -23.29 -44.89
CA LYS N 50 -30.62 -24.47 -44.30
C LYS N 50 -32.08 -24.24 -43.92
N LEU N 51 -32.41 -23.04 -43.47
CA LEU N 51 -33.80 -22.69 -43.21
C LEU N 51 -34.62 -22.78 -44.47
N ALA N 52 -34.11 -22.22 -45.57
CA ALA N 52 -34.83 -22.31 -46.82
C ALA N 52 -35.03 -23.77 -47.24
N ASP N 53 -33.98 -24.58 -47.09
CA ASP N 53 -34.10 -26.01 -47.38
C ASP N 53 -35.20 -26.65 -46.55
N ALA N 54 -35.16 -26.45 -45.24
CA ALA N 54 -36.13 -27.09 -44.35
C ALA N 54 -37.55 -26.65 -44.69
N ASP N 55 -37.72 -25.37 -45.02
CA ASP N 55 -39.03 -24.91 -45.45
C ASP N 55 -39.46 -25.64 -46.73
N ALA N 56 -38.53 -25.82 -47.67
CA ALA N 56 -38.87 -26.49 -48.91
C ALA N 56 -39.31 -27.93 -48.65
N MET N 57 -38.55 -28.68 -47.85
CA MET N 57 -38.97 -30.04 -47.51
C MET N 57 -40.29 -30.03 -46.74
N HIS N 58 -40.43 -29.12 -45.78
CA HIS N 58 -41.67 -29.03 -45.03
C HIS N 58 -42.77 -28.53 -45.96
#